data_1NAK
#
_entry.id   1NAK
#
_cell.length_a   60.511
_cell.length_b   122.597
_cell.length_c   69.464
_cell.angle_alpha   90.00
_cell.angle_beta   108.54
_cell.angle_gamma   90.00
#
_symmetry.space_group_name_H-M   'P 1 21 1'
#
loop_
_entity.id
_entity.type
_entity.pdbx_description
1 polymer 'Fab 83.1 - light chain'
2 polymer 'Fab 83.1 - heavy chain'
3 polymer 'Peptide MP1'
4 water water
#
loop_
_entity_poly.entity_id
_entity_poly.type
_entity_poly.pdbx_seq_one_letter_code
_entity_poly.pdbx_strand_id
1 'polypeptide(L)'
;DVVMTQSPVSLPVSLGDQASISCRSSQSLGHSSGNTYLHWFLQKPGQSPKLLIYKVSNRFSGVPDRFSGSGSGTDFTFKI
SRVEAEDLGVYFCFQTTHDPYTFGGGTKLEIKRADAAPTVSIFPPSSEQLTSGGASVVCFLNNFYPKDINVKWKIDGSER
QNGVLNSWTDQDSKDSTYSMSSTLTLTKDEYERHNSYTCEATHKTSTSPIVKSFNRNEC
;
L,M
2 'polypeptide(L)'
;EVQLQESGPSLVKPSQTLSLTCSVTGVSITSGYWNWIRKFPGNKFEYMGYISKSGSAYYNPSLKSRISFTRDTSKNQFYL
KLNSVTTEDTATYYCAIDDFDIWGAGTTVTVSSAKTTPPSVYPLAPGSAAQTNSMVTLGCLVKGYFPEPVTVTWNSGSLS
SGVHTFPAVLQSDLYTLSSSVTVPSSPRPSETVTCNVAHPASSTKVDKKIVPRD
;
H,I
3 'polypeptide(L)' CKRIHIGPGRAFYTTC P,Q
#
# COMPACT_ATOMS: atom_id res chain seq x y z
N ASP A 1 4.98 -37.94 -14.21
CA ASP A 1 5.36 -36.61 -13.67
C ASP A 1 6.86 -36.61 -13.49
N VAL A 2 7.59 -36.05 -14.43
CA VAL A 2 9.03 -36.08 -14.29
C VAL A 2 9.36 -35.61 -12.89
N VAL A 3 10.16 -36.42 -12.18
CA VAL A 3 10.61 -36.13 -10.84
C VAL A 3 12.04 -35.59 -10.96
N MET A 4 12.23 -34.36 -10.51
CA MET A 4 13.53 -33.72 -10.58
C MET A 4 14.18 -33.82 -9.22
N THR A 5 15.19 -34.68 -9.09
CA THR A 5 15.89 -34.87 -7.83
C THR A 5 17.15 -34.02 -7.79
N GLN A 6 17.11 -32.98 -6.96
CA GLN A 6 18.24 -32.07 -6.85
C GLN A 6 19.07 -32.22 -5.57
N SER A 7 20.39 -32.24 -5.74
CA SER A 7 21.31 -32.38 -4.63
C SER A 7 22.64 -31.68 -4.92
N PRO A 8 23.31 -31.17 -3.88
CA PRO A 8 22.88 -31.23 -2.49
C PRO A 8 21.80 -30.19 -2.18
N VAL A 9 21.16 -30.32 -1.01
CA VAL A 9 20.13 -29.39 -0.57
C VAL A 9 20.79 -28.09 -0.11
N SER A 10 21.92 -28.23 0.59
CA SER A 10 22.67 -27.09 1.09
C SER A 10 24.10 -27.19 0.59
N LEU A 11 24.62 -26.11 0.04
CA LEU A 11 25.98 -26.11 -0.47
C LEU A 11 26.84 -25.00 0.09
N PRO A 12 27.56 -25.27 1.20
CA PRO A 12 28.42 -24.24 1.79
C PRO A 12 29.71 -24.17 0.97
N VAL A 13 30.10 -22.97 0.60
CA VAL A 13 31.30 -22.78 -0.21
C VAL A 13 32.02 -21.49 0.15
N SER A 14 33.34 -21.51 0.01
CA SER A 14 34.15 -20.35 0.30
C SER A 14 34.26 -19.48 -0.96
N LEU A 15 34.40 -18.18 -0.77
CA LEU A 15 34.52 -17.26 -1.89
C LEU A 15 35.65 -17.67 -2.82
N GLY A 16 35.41 -17.61 -4.13
CA GLY A 16 36.43 -17.97 -5.09
C GLY A 16 36.50 -19.45 -5.42
N ASP A 17 35.85 -20.28 -4.61
CA ASP A 17 35.85 -21.73 -4.84
C ASP A 17 34.81 -22.19 -5.85
N GLN A 18 34.98 -23.42 -6.31
CA GLN A 18 34.10 -24.03 -7.29
C GLN A 18 32.84 -24.59 -6.61
N ALA A 19 31.69 -24.41 -7.24
CA ALA A 19 30.44 -24.90 -6.69
C ALA A 19 29.77 -25.79 -7.73
N SER A 20 29.19 -26.91 -7.29
CA SER A 20 28.52 -27.85 -8.19
C SER A 20 27.19 -28.31 -7.65
N ILE A 21 26.18 -28.29 -8.51
CA ILE A 21 24.83 -28.72 -8.15
C ILE A 21 24.50 -29.85 -9.11
N SER A 22 23.80 -30.86 -8.61
CA SER A 22 23.43 -32.01 -9.42
C SER A 22 21.91 -32.14 -9.48
N CYS A 23 21.40 -32.58 -10.64
CA CYS A 23 19.97 -32.74 -10.84
C CYS A 23 19.75 -33.99 -11.69
N ARG A 24 18.83 -34.83 -11.27
CA ARG A 24 18.53 -36.07 -11.98
C ARG A 24 17.03 -36.25 -12.22
N SER A 25 16.69 -36.66 -13.43
CA SER A 25 15.30 -36.88 -13.83
C SER A 25 14.96 -38.37 -13.92
N SER A 26 13.71 -38.69 -13.61
CA SER A 26 13.23 -40.08 -13.66
C SER A 26 12.96 -40.46 -15.12
N GLN A 27 12.87 -39.45 -15.97
CA GLN A 27 12.62 -39.65 -17.39
C GLN A 27 13.65 -38.93 -18.22
N SER A 28 13.89 -39.46 -19.42
CA SER A 28 14.82 -38.84 -20.33
C SER A 28 14.17 -37.51 -20.70
N LEU A 29 14.95 -36.44 -20.74
CA LEU A 29 14.42 -35.14 -21.09
C LEU A 29 14.79 -34.76 -22.52
N GLY A 30 15.36 -35.71 -23.25
CA GLY A 30 15.77 -35.49 -24.63
C GLY A 30 17.11 -36.17 -24.90
N HIS A 31 17.55 -36.18 -26.16
CA HIS A 31 18.81 -36.81 -26.52
C HIS A 31 19.70 -35.98 -27.45
N SER A 32 20.03 -34.75 -27.07
CA SER A 32 20.88 -33.92 -27.92
C SER A 32 21.45 -32.65 -27.27
N SER A 33 20.72 -32.11 -26.28
CA SER A 33 21.12 -30.88 -25.59
C SER A 33 20.43 -29.69 -26.26
N GLY A 34 20.01 -29.90 -27.50
CA GLY A 34 19.30 -28.87 -28.25
C GLY A 34 17.86 -29.34 -28.38
N ASN A 35 17.59 -30.44 -27.69
CA ASN A 35 16.28 -31.09 -27.66
C ASN A 35 16.00 -31.40 -26.20
N THR A 36 17.03 -31.24 -25.37
CA THR A 36 16.90 -31.49 -23.93
C THR A 36 16.57 -30.21 -23.21
N TYR A 37 15.33 -30.12 -22.74
CA TYR A 37 14.85 -28.95 -22.05
C TYR A 37 14.96 -29.00 -20.54
N LEU A 38 16.18 -28.82 -20.05
CA LEU A 38 16.48 -28.80 -18.63
C LEU A 38 17.15 -27.45 -18.44
N HIS A 39 16.66 -26.66 -17.49
CA HIS A 39 17.21 -25.33 -17.28
C HIS A 39 17.55 -25.07 -15.84
N TRP A 40 18.32 -24.01 -15.61
CA TRP A 40 18.71 -23.63 -14.26
C TRP A 40 18.35 -22.18 -13.96
N PHE A 41 17.69 -21.98 -12.81
CA PHE A 41 17.26 -20.67 -12.34
C PHE A 41 17.91 -20.44 -10.98
N LEU A 42 17.99 -19.18 -10.59
CA LEU A 42 18.55 -18.78 -9.30
C LEU A 42 17.49 -17.88 -8.66
N GLN A 43 17.22 -18.08 -7.37
CA GLN A 43 16.26 -17.20 -6.71
C GLN A 43 16.91 -16.53 -5.52
N LYS A 44 17.11 -15.22 -5.66
CA LYS A 44 17.72 -14.39 -4.63
C LYS A 44 16.71 -14.11 -3.54
N PRO A 45 17.19 -13.85 -2.33
CA PRO A 45 16.31 -13.55 -1.19
C PRO A 45 15.39 -12.37 -1.51
N GLY A 46 14.08 -12.60 -1.50
CA GLY A 46 13.11 -11.56 -1.78
C GLY A 46 12.94 -11.12 -3.23
N GLN A 47 13.30 -11.98 -4.17
CA GLN A 47 13.19 -11.65 -5.60
C GLN A 47 12.54 -12.82 -6.35
N SER A 48 12.27 -12.60 -7.62
CA SER A 48 11.67 -13.63 -8.45
C SER A 48 12.77 -14.50 -9.05
N PRO A 49 12.39 -15.65 -9.61
CA PRO A 49 13.39 -16.55 -10.22
C PRO A 49 14.07 -15.93 -11.44
N LYS A 50 15.39 -16.08 -11.51
CA LYS A 50 16.15 -15.57 -12.63
C LYS A 50 16.72 -16.75 -13.43
N LEU A 51 16.41 -16.78 -14.72
CA LEU A 51 16.88 -17.82 -15.62
C LEU A 51 18.36 -17.61 -15.86
N LEU A 52 19.17 -18.60 -15.53
CA LEU A 52 20.61 -18.48 -15.73
C LEU A 52 21.10 -19.37 -16.84
N ILE A 53 20.56 -20.58 -16.92
CA ILE A 53 20.97 -21.55 -17.92
C ILE A 53 19.81 -22.32 -18.53
N TYR A 54 19.72 -22.33 -19.86
CA TYR A 54 18.66 -23.06 -20.56
C TYR A 54 19.21 -24.06 -21.57
N LYS A 55 18.44 -25.12 -21.79
CA LYS A 55 18.81 -26.16 -22.74
C LYS A 55 20.07 -26.90 -22.30
N VAL A 56 20.18 -27.11 -21.00
CA VAL A 56 21.32 -27.82 -20.42
C VAL A 56 22.59 -26.98 -20.29
N SER A 57 23.07 -26.43 -21.41
CA SER A 57 24.31 -25.66 -21.36
C SER A 57 24.30 -24.24 -21.89
N ASN A 58 23.20 -23.82 -22.51
CA ASN A 58 23.13 -22.48 -23.05
C ASN A 58 23.00 -21.42 -21.97
N ARG A 59 24.01 -20.56 -21.86
CA ARG A 59 23.99 -19.50 -20.87
C ARG A 59 23.15 -18.33 -21.36
N PHE A 60 22.21 -17.89 -20.55
CA PHE A 60 21.32 -16.79 -20.91
C PHE A 60 22.09 -15.46 -21.01
N SER A 61 21.44 -14.45 -21.57
CA SER A 61 22.05 -13.14 -21.74
C SER A 61 22.28 -12.41 -20.44
N GLY A 62 23.51 -11.95 -20.23
CA GLY A 62 23.82 -11.23 -19.02
C GLY A 62 24.31 -12.10 -17.89
N VAL A 63 24.49 -13.38 -18.17
CA VAL A 63 24.97 -14.31 -17.18
C VAL A 63 26.47 -14.51 -17.39
N PRO A 64 27.28 -14.23 -16.37
CA PRO A 64 28.73 -14.39 -16.48
C PRO A 64 29.17 -15.79 -16.86
N ASP A 65 30.38 -15.90 -17.40
CA ASP A 65 30.93 -17.17 -17.81
C ASP A 65 31.32 -18.07 -16.64
N ARG A 66 31.16 -17.58 -15.42
CA ARG A 66 31.48 -18.40 -14.25
C ARG A 66 30.45 -19.51 -14.16
N PHE A 67 29.26 -19.24 -14.70
CA PHE A 67 28.15 -20.18 -14.71
C PHE A 67 28.23 -21.13 -15.90
N SER A 68 28.28 -22.42 -15.61
CA SER A 68 28.41 -23.48 -16.61
C SER A 68 27.23 -24.45 -16.53
N GLY A 69 27.05 -25.25 -17.57
CA GLY A 69 25.95 -26.22 -17.59
C GLY A 69 26.20 -27.38 -18.53
N SER A 70 25.97 -28.59 -18.05
CA SER A 70 26.16 -29.78 -18.85
C SER A 70 25.29 -30.93 -18.34
N GLY A 71 25.10 -31.94 -19.18
CA GLY A 71 24.28 -33.07 -18.80
C GLY A 71 24.22 -34.19 -19.82
N SER A 72 23.25 -35.08 -19.66
CA SER A 72 23.07 -36.21 -20.57
C SER A 72 21.91 -37.09 -20.10
N GLY A 73 21.00 -37.40 -21.03
CA GLY A 73 19.87 -38.24 -20.69
C GLY A 73 19.12 -37.82 -19.43
N THR A 74 19.58 -38.29 -18.28
CA THR A 74 18.94 -37.97 -17.01
C THR A 74 19.84 -37.24 -16.01
N ASP A 75 21.13 -37.16 -16.30
CA ASP A 75 22.08 -36.50 -15.41
C ASP A 75 22.48 -35.10 -15.85
N PHE A 76 22.36 -34.14 -14.94
CA PHE A 76 22.71 -32.75 -15.24
C PHE A 76 23.45 -32.10 -14.08
N THR A 77 24.55 -31.41 -14.41
CA THR A 77 25.35 -30.72 -13.40
C THR A 77 25.44 -29.26 -13.74
N PHE A 78 25.33 -28.44 -12.71
CA PHE A 78 25.40 -26.99 -12.84
C PHE A 78 26.66 -26.61 -12.06
N LYS A 79 27.53 -25.81 -12.65
CA LYS A 79 28.76 -25.39 -11.98
C LYS A 79 28.94 -23.88 -11.92
N ILE A 80 29.65 -23.43 -10.89
CA ILE A 80 29.96 -22.03 -10.69
C ILE A 80 31.43 -22.00 -10.34
N SER A 81 32.28 -21.77 -11.34
CA SER A 81 33.74 -21.74 -11.17
C SER A 81 34.23 -20.95 -9.95
N ARG A 82 34.14 -19.63 -10.01
CA ARG A 82 34.59 -18.80 -8.91
C ARG A 82 33.37 -18.26 -8.18
N VAL A 83 33.03 -18.85 -7.04
CA VAL A 83 31.88 -18.39 -6.28
C VAL A 83 32.11 -16.97 -5.76
N GLU A 84 31.17 -16.09 -6.06
CA GLU A 84 31.25 -14.72 -5.61
C GLU A 84 30.14 -14.48 -4.59
N ALA A 85 30.22 -13.35 -3.89
CA ALA A 85 29.24 -13.04 -2.85
C ALA A 85 27.81 -12.86 -3.36
N GLU A 86 27.65 -12.41 -4.60
CA GLU A 86 26.32 -12.17 -5.16
C GLU A 86 25.64 -13.44 -5.68
N ASP A 87 26.35 -14.57 -5.60
CA ASP A 87 25.82 -15.86 -6.06
C ASP A 87 24.93 -16.49 -5.00
N LEU A 88 24.88 -15.83 -3.86
CA LEU A 88 24.08 -16.24 -2.72
C LEU A 88 22.60 -16.40 -3.10
N GLY A 89 21.99 -17.50 -2.68
CA GLY A 89 20.60 -17.74 -3.00
C GLY A 89 20.32 -19.21 -3.24
N VAL A 90 19.14 -19.53 -3.76
CA VAL A 90 18.77 -20.91 -4.01
C VAL A 90 18.70 -21.23 -5.51
N TYR A 91 19.38 -22.30 -5.93
CA TYR A 91 19.39 -22.72 -7.32
C TYR A 91 18.39 -23.83 -7.62
N PHE A 92 17.65 -23.71 -8.72
CA PHE A 92 16.65 -24.68 -9.09
C PHE A 92 16.81 -25.23 -10.50
N CYS A 93 16.64 -26.54 -10.66
CA CYS A 93 16.69 -27.11 -12.00
C CYS A 93 15.22 -27.19 -12.35
N PHE A 94 14.91 -27.25 -13.63
CA PHE A 94 13.52 -27.22 -14.07
C PHE A 94 13.48 -27.74 -15.50
N GLN A 95 12.48 -28.54 -15.82
CA GLN A 95 12.38 -29.09 -17.16
C GLN A 95 11.08 -28.68 -17.81
N THR A 96 11.10 -28.55 -19.13
CA THR A 96 9.90 -28.18 -19.88
C THR A 96 9.74 -29.11 -21.07
N THR A 97 10.36 -30.29 -20.98
CA THR A 97 10.29 -31.28 -22.05
C THR A 97 8.91 -31.96 -22.05
N HIS A 98 8.44 -32.30 -20.86
CA HIS A 98 7.16 -32.98 -20.71
C HIS A 98 6.18 -32.19 -19.87
N ASP A 99 4.89 -32.44 -20.10
CA ASP A 99 3.81 -31.80 -19.35
C ASP A 99 3.41 -32.80 -18.26
N PRO A 100 3.22 -32.32 -17.03
CA PRO A 100 3.36 -30.92 -16.62
C PRO A 100 4.81 -30.61 -16.30
N TYR A 101 5.23 -29.38 -16.54
CA TYR A 101 6.62 -28.97 -16.28
C TYR A 101 6.90 -29.12 -14.79
N THR A 102 8.01 -29.78 -14.45
CA THR A 102 8.40 -30.01 -13.06
C THR A 102 9.76 -29.39 -12.67
N PHE A 103 9.92 -29.07 -11.38
CA PHE A 103 11.14 -28.45 -10.84
C PHE A 103 11.91 -29.39 -9.90
N GLY A 104 13.15 -29.01 -9.58
CA GLY A 104 13.96 -29.79 -8.66
C GLY A 104 13.70 -29.21 -7.27
N GLY A 105 14.04 -29.95 -6.23
CA GLY A 105 13.79 -29.46 -4.89
C GLY A 105 14.49 -28.16 -4.54
N GLY A 106 15.53 -27.82 -5.28
CA GLY A 106 16.27 -26.60 -5.00
C GLY A 106 17.54 -26.90 -4.21
N THR A 107 18.52 -26.00 -4.32
CA THR A 107 19.78 -26.13 -3.61
C THR A 107 20.11 -24.77 -3.01
N LYS A 108 20.22 -24.70 -1.69
CA LYS A 108 20.55 -23.44 -1.04
C LYS A 108 22.06 -23.27 -0.95
N LEU A 109 22.57 -22.28 -1.67
CA LEU A 109 24.00 -22.00 -1.71
C LEU A 109 24.37 -20.89 -0.73
N GLU A 110 25.27 -21.22 0.17
CA GLU A 110 25.74 -20.26 1.17
C GLU A 110 27.25 -20.07 1.09
N ILE A 111 27.69 -18.87 1.45
CA ILE A 111 29.10 -18.50 1.40
C ILE A 111 29.85 -18.69 2.71
N LYS A 112 31.07 -19.20 2.63
CA LYS A 112 31.91 -19.42 3.80
C LYS A 112 32.99 -18.34 3.86
N ARG A 113 32.69 -17.27 4.60
CA ARG A 113 33.61 -16.15 4.77
C ARG A 113 34.28 -16.25 6.15
N ALA A 114 34.99 -15.19 6.56
CA ALA A 114 35.69 -15.18 7.85
C ALA A 114 34.79 -14.84 9.03
N ASP A 115 35.12 -15.37 10.21
CA ASP A 115 34.32 -15.09 11.39
C ASP A 115 34.27 -13.59 11.71
N ALA A 116 33.12 -13.15 12.21
CA ALA A 116 32.92 -11.73 12.56
C ALA A 116 32.01 -11.66 13.79
N ALA A 117 32.33 -10.76 14.72
CA ALA A 117 31.52 -10.62 15.92
C ALA A 117 30.30 -9.74 15.61
N PRO A 118 29.23 -9.91 16.39
CA PRO A 118 28.01 -9.12 16.20
C PRO A 118 28.06 -7.75 16.83
N THR A 119 27.38 -6.78 16.20
CA THR A 119 27.30 -5.43 16.73
C THR A 119 25.94 -5.42 17.44
N VAL A 120 25.97 -5.48 18.77
CA VAL A 120 24.74 -5.50 19.55
C VAL A 120 24.25 -4.14 20.01
N SER A 121 22.95 -3.94 19.93
CA SER A 121 22.32 -2.69 20.37
C SER A 121 20.97 -3.07 21.00
N ILE A 122 20.66 -2.50 22.16
CA ILE A 122 19.41 -2.79 22.83
C ILE A 122 18.45 -1.59 22.83
N PHE A 123 17.15 -1.88 22.69
CA PHE A 123 16.14 -0.82 22.68
C PHE A 123 15.00 -1.04 23.67
N PRO A 124 14.67 0.00 24.46
CA PRO A 124 13.58 -0.07 25.46
C PRO A 124 12.24 -0.12 24.73
N PRO A 125 11.16 -0.44 25.46
CA PRO A 125 9.84 -0.50 24.85
C PRO A 125 9.42 0.89 24.40
N SER A 126 8.68 0.97 23.31
CA SER A 126 8.24 2.26 22.80
C SER A 126 7.27 2.91 23.78
N SER A 127 7.27 4.24 23.76
CA SER A 127 6.41 5.01 24.63
C SER A 127 4.95 4.75 24.29
N GLU A 128 4.71 4.31 23.06
CA GLU A 128 3.35 4.04 22.63
C GLU A 128 2.84 2.62 22.79
N GLN A 129 3.75 1.65 22.85
CA GLN A 129 3.34 0.27 23.05
C GLN A 129 2.85 0.12 24.47
N LEU A 130 3.48 0.88 25.35
CA LEU A 130 3.15 0.87 26.76
C LEU A 130 1.72 1.38 26.98
N THR A 131 1.37 2.50 26.34
CA THR A 131 0.01 3.05 26.45
C THR A 131 -0.99 2.07 25.83
N SER A 132 -0.48 0.95 25.34
CA SER A 132 -1.33 -0.06 24.71
C SER A 132 -1.24 -1.42 25.38
N GLY A 133 -0.96 -1.41 26.68
CA GLY A 133 -0.91 -2.63 27.46
C GLY A 133 0.31 -3.54 27.45
N GLY A 134 1.13 -3.48 26.40
CA GLY A 134 2.28 -4.38 26.34
C GLY A 134 3.62 -3.69 26.32
N ALA A 135 4.67 -4.48 26.48
CA ALA A 135 6.03 -3.97 26.48
C ALA A 135 6.98 -4.97 25.85
N SER A 136 7.67 -4.53 24.81
CA SER A 136 8.61 -5.39 24.10
C SER A 136 10.00 -4.78 24.14
N VAL A 137 11.00 -5.60 24.46
CA VAL A 137 12.38 -5.16 24.51
C VAL A 137 13.14 -5.80 23.34
N VAL A 138 13.61 -4.99 22.40
CA VAL A 138 14.33 -5.52 21.23
C VAL A 138 15.84 -5.33 21.33
N CYS A 139 16.57 -6.23 20.71
CA CYS A 139 18.02 -6.18 20.74
C CYS A 139 18.50 -6.77 19.40
N PHE A 140 19.30 -5.98 18.66
CA PHE A 140 19.82 -6.42 17.37
C PHE A 140 21.28 -6.89 17.46
N LEU A 141 21.59 -7.97 16.73
CA LEU A 141 22.97 -8.49 16.65
C LEU A 141 23.26 -8.46 15.16
N ASN A 142 23.88 -7.39 14.71
CA ASN A 142 24.15 -7.21 13.30
C ASN A 142 25.53 -7.57 12.75
N ASN A 143 25.48 -8.08 11.51
CA ASN A 143 26.65 -8.49 10.73
C ASN A 143 27.73 -9.32 11.45
N PHE A 144 27.42 -10.60 11.65
CA PHE A 144 28.36 -11.53 12.28
C PHE A 144 28.48 -12.80 11.44
N TYR A 145 29.36 -13.69 11.88
CA TYR A 145 29.59 -14.95 11.18
C TYR A 145 30.46 -15.82 12.07
N PRO A 146 30.15 -17.13 12.15
CA PRO A 146 29.04 -17.80 11.45
C PRO A 146 27.64 -17.51 12.01
N LYS A 147 26.66 -18.20 11.42
CA LYS A 147 25.26 -18.07 11.77
C LYS A 147 24.91 -18.44 13.21
N ASP A 148 25.50 -19.52 13.71
CA ASP A 148 25.21 -19.97 15.06
C ASP A 148 25.48 -18.88 16.10
N ILE A 149 24.51 -18.67 16.99
CA ILE A 149 24.67 -17.64 18.02
C ILE A 149 23.58 -17.78 19.10
N ASN A 150 23.93 -17.47 20.34
CA ASN A 150 22.98 -17.55 21.44
C ASN A 150 22.69 -16.19 22.01
N VAL A 151 21.49 -16.02 22.54
CA VAL A 151 21.12 -14.74 23.17
C VAL A 151 20.56 -15.01 24.55
N LYS A 152 21.11 -14.32 25.54
CA LYS A 152 20.68 -14.49 26.92
C LYS A 152 19.96 -13.21 27.34
N TRP A 153 18.91 -13.36 28.13
CA TRP A 153 18.14 -12.21 28.61
C TRP A 153 18.08 -12.19 30.11
N LYS A 154 18.59 -11.12 30.70
CA LYS A 154 18.58 -10.98 32.14
C LYS A 154 17.72 -9.78 32.57
N ILE A 155 16.79 -10.04 33.49
CA ILE A 155 15.93 -9.00 34.02
C ILE A 155 16.33 -8.80 35.48
N ASP A 156 17.00 -7.68 35.75
CA ASP A 156 17.48 -7.37 37.09
C ASP A 156 18.41 -8.47 37.57
N GLY A 157 19.14 -9.06 36.63
CA GLY A 157 20.08 -10.13 36.98
C GLY A 157 19.62 -11.54 36.69
N SER A 158 18.33 -11.80 36.80
CA SER A 158 17.80 -13.14 36.54
C SER A 158 17.55 -13.41 35.07
N GLU A 159 17.86 -14.62 34.64
CA GLU A 159 17.67 -15.04 33.25
C GLU A 159 16.20 -15.32 32.93
N ARG A 160 15.75 -14.81 31.79
CA ARG A 160 14.37 -14.95 31.34
C ARG A 160 14.36 -15.59 29.95
N GLN A 161 14.21 -16.91 29.91
CA GLN A 161 14.19 -17.63 28.64
C GLN A 161 12.79 -17.89 28.14
N ASN A 162 11.80 -17.33 28.82
CA ASN A 162 10.41 -17.51 28.46
C ASN A 162 9.89 -16.23 27.83
N GLY A 163 9.39 -16.33 26.61
CA GLY A 163 8.86 -15.15 25.95
C GLY A 163 9.84 -14.44 25.05
N VAL A 164 10.82 -15.17 24.51
CA VAL A 164 11.82 -14.60 23.60
C VAL A 164 11.70 -15.18 22.18
N LEU A 165 11.72 -14.32 21.17
CA LEU A 165 11.65 -14.78 19.79
C LEU A 165 12.89 -14.27 19.05
N ASN A 166 13.47 -15.12 18.22
CA ASN A 166 14.67 -14.75 17.48
C ASN A 166 14.51 -15.00 15.99
N SER A 167 15.05 -14.10 15.16
CA SER A 167 14.96 -14.25 13.72
C SER A 167 16.23 -13.82 13.00
N TRP A 168 16.74 -14.68 12.12
CA TRP A 168 17.96 -14.40 11.34
C TRP A 168 17.63 -13.95 9.92
N THR A 169 18.37 -12.97 9.44
CA THR A 169 18.18 -12.48 8.08
C THR A 169 18.89 -13.46 7.16
N ASP A 170 18.73 -13.31 5.86
CA ASP A 170 19.42 -14.19 4.92
C ASP A 170 20.84 -13.67 4.90
N GLN A 171 21.78 -14.47 4.41
CA GLN A 171 23.16 -14.04 4.33
C GLN A 171 23.17 -12.76 3.52
N ASP A 172 24.03 -11.83 3.90
CA ASP A 172 24.18 -10.56 3.19
C ASP A 172 24.89 -10.85 1.86
N SER A 173 24.36 -10.31 0.77
CA SER A 173 24.95 -10.52 -0.55
C SER A 173 26.16 -9.61 -0.80
N LYS A 174 26.58 -8.88 0.23
CA LYS A 174 27.73 -7.99 0.12
C LYS A 174 28.86 -8.38 1.08
N ASP A 175 28.55 -8.49 2.36
CA ASP A 175 29.59 -8.86 3.33
C ASP A 175 29.46 -10.32 3.76
N SER A 176 28.40 -10.97 3.28
CA SER A 176 28.14 -12.38 3.58
C SER A 176 27.98 -12.69 5.06
N THR A 177 27.40 -11.76 5.81
CA THR A 177 27.19 -11.99 7.23
C THR A 177 25.72 -12.27 7.51
N TYR A 178 25.43 -12.57 8.77
CA TYR A 178 24.07 -12.81 9.21
C TYR A 178 23.74 -11.76 10.24
N SER A 179 22.47 -11.49 10.40
CA SER A 179 22.04 -10.55 11.40
C SER A 179 20.89 -11.22 12.12
N MET A 180 20.66 -10.83 13.36
CA MET A 180 19.62 -11.44 14.15
C MET A 180 18.95 -10.41 15.05
N SER A 181 17.64 -10.59 15.23
CA SER A 181 16.83 -9.73 16.09
C SER A 181 16.27 -10.61 17.19
N SER A 182 16.38 -10.14 18.44
CA SER A 182 15.84 -10.90 19.55
C SER A 182 14.80 -10.04 20.27
N THR A 183 13.60 -10.59 20.44
CA THR A 183 12.53 -9.85 21.09
C THR A 183 11.97 -10.53 22.34
N LEU A 184 12.17 -9.86 23.47
CA LEU A 184 11.66 -10.31 24.76
C LEU A 184 10.34 -9.58 25.03
N THR A 185 9.22 -10.28 24.97
CA THR A 185 7.94 -9.63 25.23
C THR A 185 7.44 -9.86 26.65
N LEU A 186 6.84 -8.83 27.23
CA LEU A 186 6.29 -8.88 28.57
C LEU A 186 5.08 -7.97 28.61
N THR A 187 4.40 -7.95 29.74
CA THR A 187 3.26 -7.09 29.89
C THR A 187 3.83 -5.79 30.44
N LYS A 188 3.07 -4.70 30.38
CA LYS A 188 3.56 -3.43 30.89
C LYS A 188 3.84 -3.53 32.39
N ASP A 189 2.89 -4.10 33.12
CA ASP A 189 3.02 -4.23 34.57
C ASP A 189 4.28 -4.96 35.04
N GLU A 190 4.66 -6.05 34.38
CA GLU A 190 5.86 -6.72 34.82
C GLU A 190 7.05 -5.87 34.43
N TYR A 191 6.99 -5.28 33.24
CA TYR A 191 8.08 -4.44 32.76
C TYR A 191 8.36 -3.33 33.79
N GLU A 192 7.30 -2.67 34.26
CA GLU A 192 7.45 -1.61 35.24
C GLU A 192 8.02 -2.10 36.57
N ARG A 193 7.78 -3.36 36.92
CA ARG A 193 8.26 -3.93 38.19
C ARG A 193 9.77 -4.08 38.28
N HIS A 194 10.47 -3.96 37.15
CA HIS A 194 11.92 -4.12 37.14
C HIS A 194 12.67 -2.92 36.52
N ASN A 195 13.96 -2.81 36.82
CA ASN A 195 14.77 -1.70 36.30
C ASN A 195 15.75 -2.05 35.18
N SER A 196 16.65 -2.99 35.41
CA SER A 196 17.66 -3.36 34.43
C SER A 196 17.34 -4.50 33.47
N TYR A 197 17.54 -4.25 32.17
CA TYR A 197 17.31 -5.25 31.14
C TYR A 197 18.59 -5.47 30.35
N THR A 198 19.09 -6.70 30.39
CA THR A 198 20.32 -7.05 29.72
C THR A 198 20.13 -7.99 28.56
N CYS A 199 21.00 -7.84 27.57
CA CYS A 199 21.00 -8.64 26.36
C CYS A 199 22.45 -9.12 26.16
N GLU A 200 22.69 -10.42 26.31
CA GLU A 200 24.02 -11.02 26.18
C GLU A 200 24.22 -11.94 24.97
N ALA A 201 25.08 -11.55 24.05
CA ALA A 201 25.33 -12.35 22.85
C ALA A 201 26.69 -13.05 22.87
N THR A 202 26.68 -14.36 23.08
CA THR A 202 27.92 -15.12 23.08
C THR A 202 28.09 -15.70 21.68
N HIS A 203 29.27 -15.51 21.10
CA HIS A 203 29.55 -15.99 19.76
C HIS A 203 30.98 -16.52 19.65
N LYS A 204 31.15 -17.52 18.80
CA LYS A 204 32.43 -18.17 18.55
C LYS A 204 33.64 -17.23 18.59
N THR A 205 33.47 -16.05 18.00
CA THR A 205 34.52 -15.03 17.93
C THR A 205 34.94 -14.46 19.28
N SER A 206 34.46 -15.05 20.38
CA SER A 206 34.80 -14.54 21.70
C SER A 206 34.37 -15.49 22.79
N THR A 207 35.14 -15.49 23.87
CA THR A 207 34.85 -16.33 25.02
C THR A 207 33.90 -15.53 25.92
N SER A 208 34.15 -14.22 25.98
CA SER A 208 33.33 -13.33 26.79
C SER A 208 32.09 -12.88 26.02
N PRO A 209 30.95 -12.78 26.72
CA PRO A 209 29.68 -12.35 26.12
C PRO A 209 29.64 -10.85 25.87
N ILE A 210 29.06 -10.44 24.74
CA ILE A 210 28.91 -9.02 24.46
C ILE A 210 27.64 -8.65 25.22
N VAL A 211 27.75 -7.70 26.13
CA VAL A 211 26.60 -7.33 26.94
C VAL A 211 26.09 -5.91 26.72
N LYS A 212 24.80 -5.79 26.43
CA LYS A 212 24.16 -4.50 26.22
C LYS A 212 22.92 -4.47 27.10
N SER A 213 22.69 -3.36 27.79
CA SER A 213 21.53 -3.27 28.66
C SER A 213 21.06 -1.84 28.84
N PHE A 214 19.97 -1.69 29.58
CA PHE A 214 19.43 -0.37 29.84
C PHE A 214 18.71 -0.34 31.18
N ASN A 215 18.70 0.83 31.78
CA ASN A 215 18.07 1.03 33.08
C ASN A 215 16.75 1.76 32.96
N ARG A 216 15.65 0.99 32.87
CA ARG A 216 14.34 1.62 32.80
C ARG A 216 14.33 2.51 34.02
N ASN A 217 14.00 3.79 33.82
CA ASN A 217 13.97 4.77 34.91
C ASN A 217 15.37 5.35 35.10
N GLU B 1 9.50 -3.88 -24.15
CA GLU B 1 10.10 -4.09 -22.83
C GLU B 1 8.99 -4.51 -21.83
N VAL B 2 8.97 -5.80 -21.50
CA VAL B 2 7.96 -6.45 -20.64
C VAL B 2 7.99 -6.44 -19.10
N GLN B 3 6.81 -6.21 -18.50
CA GLN B 3 6.65 -6.18 -17.04
C GLN B 3 5.44 -7.04 -16.63
N LEU B 4 5.60 -7.82 -15.56
CA LEU B 4 4.51 -8.67 -15.07
C LEU B 4 4.16 -8.32 -13.62
N GLN B 5 2.87 -8.25 -13.33
CA GLN B 5 2.39 -7.89 -11.98
C GLN B 5 1.21 -8.76 -11.53
N GLU B 6 1.41 -9.57 -10.50
CA GLU B 6 0.34 -10.41 -9.99
C GLU B 6 -0.31 -9.74 -8.80
N SER B 7 -1.63 -9.86 -8.70
CA SER B 7 -2.36 -9.27 -7.58
C SER B 7 -3.55 -10.17 -7.20
N GLY B 8 -4.04 -9.99 -5.99
CA GLY B 8 -5.16 -10.77 -5.52
C GLY B 8 -5.27 -10.66 -4.02
N PRO B 9 -6.10 -11.49 -3.38
CA PRO B 9 -6.27 -11.44 -1.92
C PRO B 9 -5.12 -12.19 -1.27
N SER B 10 -4.61 -11.66 -0.16
CA SER B 10 -3.51 -12.31 0.55
C SER B 10 -4.06 -13.25 1.60
N LEU B 11 -5.39 -13.29 1.68
CA LEU B 11 -6.07 -14.14 2.65
C LEU B 11 -7.38 -14.69 2.08
N VAL B 12 -7.56 -16.00 2.19
CA VAL B 12 -8.77 -16.69 1.71
C VAL B 12 -9.13 -17.73 2.76
N LYS B 13 -10.43 -17.96 2.93
CA LYS B 13 -10.92 -18.95 3.90
C LYS B 13 -10.98 -20.33 3.24
N PRO B 14 -10.66 -21.38 3.99
CA PRO B 14 -10.70 -22.72 3.40
C PRO B 14 -12.06 -22.97 2.77
N SER B 15 -12.05 -23.62 1.60
CA SER B 15 -13.28 -23.95 0.87
C SER B 15 -13.77 -22.87 -0.10
N GLN B 16 -13.23 -21.67 0.00
CA GLN B 16 -13.63 -20.60 -0.91
C GLN B 16 -12.71 -20.66 -2.13
N THR B 17 -12.96 -19.80 -3.13
CA THR B 17 -12.13 -19.83 -4.33
C THR B 17 -11.14 -18.66 -4.40
N LEU B 18 -9.95 -18.94 -4.94
CA LEU B 18 -8.91 -17.94 -5.09
C LEU B 18 -9.00 -17.33 -6.48
N SER B 19 -8.85 -16.02 -6.58
CA SER B 19 -8.93 -15.34 -7.87
C SER B 19 -7.76 -14.37 -8.03
N LEU B 20 -6.82 -14.72 -8.90
CA LEU B 20 -5.65 -13.89 -9.15
C LEU B 20 -5.69 -13.22 -10.52
N THR B 21 -4.95 -12.12 -10.64
CA THR B 21 -4.86 -11.37 -11.89
C THR B 21 -3.38 -11.09 -12.19
N CYS B 22 -3.02 -11.15 -13.46
CA CYS B 22 -1.65 -10.86 -13.88
C CYS B 22 -1.63 -9.69 -14.87
N SER B 23 -1.25 -8.53 -14.39
CA SER B 23 -1.19 -7.35 -15.23
C SER B 23 0.09 -7.36 -16.04
N VAL B 24 -0.07 -7.42 -17.35
CA VAL B 24 1.05 -7.44 -18.28
C VAL B 24 1.24 -6.02 -18.85
N THR B 25 2.49 -5.56 -18.85
CA THR B 25 2.83 -4.24 -19.37
C THR B 25 4.07 -4.29 -20.25
N GLY B 26 3.98 -3.67 -21.43
CA GLY B 26 5.10 -3.62 -22.33
C GLY B 26 4.90 -4.46 -23.59
N VAL B 27 3.79 -5.20 -23.62
CA VAL B 27 3.46 -6.06 -24.75
C VAL B 27 2.08 -6.68 -24.52
N SER B 28 1.23 -6.69 -25.55
CA SER B 28 -0.11 -7.24 -25.46
C SER B 28 -0.15 -8.73 -25.09
N ILE B 29 -1.07 -9.12 -24.21
CA ILE B 29 -1.16 -10.52 -23.78
C ILE B 29 -1.39 -11.50 -24.96
N THR B 30 -1.87 -10.99 -26.09
CA THR B 30 -2.15 -11.83 -27.26
C THR B 30 -0.94 -12.16 -28.13
N SER B 31 0.24 -11.71 -27.73
CA SER B 31 1.44 -11.96 -28.50
C SER B 31 2.04 -13.34 -28.25
N GLY B 32 1.76 -13.93 -27.08
CA GLY B 32 2.29 -15.25 -26.78
C GLY B 32 1.59 -16.01 -25.67
N TYR B 33 2.23 -17.10 -25.22
CA TYR B 33 1.71 -17.95 -24.14
C TYR B 33 2.23 -17.47 -22.80
N TRP B 34 1.40 -17.55 -21.77
CA TRP B 34 1.81 -17.09 -20.45
C TRP B 34 1.76 -18.21 -19.40
N ASN B 35 2.61 -18.10 -18.39
CA ASN B 35 2.72 -19.11 -17.35
C ASN B 35 2.22 -18.76 -15.95
N TRP B 36 1.67 -19.77 -15.27
CA TRP B 36 1.18 -19.64 -13.90
C TRP B 36 1.98 -20.63 -13.06
N ILE B 37 2.62 -20.15 -12.00
CA ILE B 37 3.42 -20.99 -11.12
C ILE B 37 3.18 -20.63 -9.64
N ARG B 38 3.21 -21.63 -8.78
CA ARG B 38 3.03 -21.39 -7.35
C ARG B 38 4.26 -21.94 -6.62
N LYS B 39 4.61 -21.33 -5.49
CA LYS B 39 5.75 -21.78 -4.69
C LYS B 39 5.34 -21.91 -3.21
N PHE B 40 5.18 -23.15 -2.75
CA PHE B 40 4.79 -23.41 -1.36
C PHE B 40 5.94 -23.11 -0.42
N PRO B 41 5.64 -22.81 0.85
CA PRO B 41 6.74 -22.52 1.78
C PRO B 41 7.73 -23.68 1.72
N GLY B 42 9.02 -23.37 1.86
CA GLY B 42 10.02 -24.42 1.81
C GLY B 42 10.58 -24.67 0.41
N ASN B 43 10.59 -23.63 -0.43
CA ASN B 43 11.11 -23.73 -1.79
C ASN B 43 10.61 -24.93 -2.60
N LYS B 44 9.35 -24.94 -2.95
CA LYS B 44 8.80 -26.04 -3.71
C LYS B 44 7.86 -25.51 -4.78
N PHE B 45 8.37 -25.39 -6.00
CA PHE B 45 7.55 -24.89 -7.09
C PHE B 45 6.65 -25.98 -7.70
N GLU B 46 5.56 -25.52 -8.31
CA GLU B 46 4.65 -26.42 -8.98
C GLU B 46 4.03 -25.68 -10.13
N TYR B 47 4.35 -26.10 -11.34
CA TYR B 47 3.81 -25.49 -12.55
C TYR B 47 2.31 -25.75 -12.56
N MET B 48 1.53 -24.68 -12.69
CA MET B 48 0.08 -24.77 -12.67
C MET B 48 -0.56 -24.91 -14.04
N GLY B 49 0.08 -24.36 -15.06
CA GLY B 49 -0.47 -24.45 -16.41
C GLY B 49 -0.22 -23.21 -17.23
N TYR B 50 -0.88 -23.10 -18.38
CA TYR B 50 -0.68 -21.93 -19.23
C TYR B 50 -1.87 -21.49 -20.06
N ILE B 51 -1.81 -20.25 -20.51
CA ILE B 51 -2.83 -19.67 -21.35
C ILE B 51 -2.12 -19.53 -22.70
N SER B 52 -2.78 -19.92 -23.79
CA SER B 52 -2.15 -19.82 -25.10
C SER B 52 -2.33 -18.44 -25.74
N LYS B 53 -1.73 -18.29 -26.92
CA LYS B 53 -1.77 -17.07 -27.69
C LYS B 53 -3.22 -16.80 -28.06
N SER B 54 -4.01 -17.88 -28.10
CA SER B 54 -5.43 -17.82 -28.47
C SER B 54 -6.43 -17.93 -27.31
N GLY B 55 -5.95 -17.97 -26.07
CA GLY B 55 -6.85 -18.08 -24.94
C GLY B 55 -7.06 -19.51 -24.47
N SER B 56 -6.43 -20.46 -25.15
CA SER B 56 -6.54 -21.87 -24.77
C SER B 56 -5.87 -22.01 -23.42
N ALA B 57 -6.12 -23.12 -22.74
CA ALA B 57 -5.53 -23.33 -21.42
C ALA B 57 -5.17 -24.79 -21.16
N TYR B 58 -3.95 -24.97 -20.63
CA TYR B 58 -3.47 -26.29 -20.28
C TYR B 58 -3.38 -26.26 -18.77
N TYR B 59 -3.94 -27.27 -18.12
CA TYR B 59 -3.87 -27.29 -16.67
C TYR B 59 -3.08 -28.50 -16.19
N ASN B 60 -2.21 -28.28 -15.22
CA ASN B 60 -1.42 -29.36 -14.62
C ASN B 60 -2.48 -30.29 -14.09
N PRO B 61 -2.36 -31.60 -14.37
CA PRO B 61 -3.37 -32.53 -13.86
C PRO B 61 -3.69 -32.43 -12.36
N SER B 62 -2.71 -32.11 -11.53
CA SER B 62 -2.96 -32.02 -10.10
C SER B 62 -3.89 -30.86 -9.74
N LEU B 63 -4.46 -30.18 -10.74
CA LEU B 63 -5.31 -29.04 -10.47
C LEU B 63 -6.50 -28.78 -11.38
N LYS B 64 -6.46 -29.28 -12.62
CA LYS B 64 -7.52 -29.00 -13.59
C LYS B 64 -9.00 -29.13 -13.25
N SER B 65 -9.34 -29.54 -12.03
CA SER B 65 -10.73 -29.64 -11.66
C SER B 65 -11.12 -28.45 -10.78
N ARG B 66 -10.12 -27.85 -10.14
CA ARG B 66 -10.32 -26.70 -9.28
C ARG B 66 -9.77 -25.45 -9.96
N ILE B 67 -8.80 -25.65 -10.83
CA ILE B 67 -8.14 -24.56 -11.54
C ILE B 67 -8.87 -24.16 -12.83
N SER B 68 -8.74 -22.89 -13.20
CA SER B 68 -9.37 -22.35 -14.40
C SER B 68 -8.72 -21.02 -14.79
N PHE B 69 -8.38 -20.88 -16.07
CA PHE B 69 -7.74 -19.66 -16.58
C PHE B 69 -8.65 -18.94 -17.56
N THR B 70 -8.42 -17.64 -17.69
CA THR B 70 -9.18 -16.80 -18.61
C THR B 70 -8.33 -15.58 -18.91
N ARG B 71 -8.77 -14.76 -19.85
CA ARG B 71 -8.00 -13.57 -20.18
C ARG B 71 -8.94 -12.45 -20.62
N ASP B 72 -8.38 -11.25 -20.73
CA ASP B 72 -9.12 -10.08 -21.18
C ASP B 72 -8.12 -9.19 -21.91
N THR B 73 -8.30 -9.10 -23.22
CA THR B 73 -7.42 -8.28 -24.05
C THR B 73 -7.47 -6.78 -23.69
N SER B 74 -8.68 -6.26 -23.51
CA SER B 74 -8.88 -4.84 -23.19
C SER B 74 -8.13 -4.34 -21.96
N LYS B 75 -8.10 -5.17 -20.92
CA LYS B 75 -7.42 -4.81 -19.69
C LYS B 75 -6.00 -5.37 -19.72
N ASN B 76 -5.72 -6.15 -20.76
CA ASN B 76 -4.40 -6.77 -20.96
C ASN B 76 -4.02 -7.56 -19.70
N GLN B 77 -4.97 -8.34 -19.22
CA GLN B 77 -4.77 -9.15 -18.04
C GLN B 77 -5.32 -10.54 -18.33
N PHE B 78 -4.78 -11.54 -17.64
CA PHE B 78 -5.26 -12.91 -17.74
C PHE B 78 -5.42 -13.33 -16.29
N TYR B 79 -6.38 -14.22 -16.03
CA TYR B 79 -6.64 -14.60 -14.64
C TYR B 79 -6.51 -16.06 -14.32
N LEU B 80 -6.50 -16.34 -13.02
CA LEU B 80 -6.42 -17.69 -12.50
C LEU B 80 -7.50 -17.79 -11.44
N LYS B 81 -8.20 -18.91 -11.42
CA LYS B 81 -9.27 -19.14 -10.46
C LYS B 81 -9.12 -20.54 -9.85
N LEU B 82 -8.99 -20.62 -8.53
CA LEU B 82 -8.84 -21.90 -7.85
C LEU B 82 -9.98 -22.10 -6.85
N ASN B 83 -10.75 -23.18 -7.04
CA ASN B 83 -11.88 -23.49 -6.19
C ASN B 83 -11.49 -24.34 -5.00
N SER B 84 -12.37 -24.35 -4.00
CA SER B 84 -12.19 -25.13 -2.78
C SER B 84 -10.76 -25.17 -2.25
N VAL B 85 -10.19 -24.00 -1.96
CA VAL B 85 -8.84 -23.97 -1.46
C VAL B 85 -8.72 -24.51 -0.02
N THR B 86 -7.57 -25.10 0.26
CA THR B 86 -7.29 -25.64 1.59
C THR B 86 -5.97 -24.98 1.98
N THR B 87 -5.58 -25.13 3.25
CA THR B 87 -4.34 -24.52 3.71
C THR B 87 -3.16 -25.01 2.89
N GLU B 88 -3.39 -26.04 2.07
CA GLU B 88 -2.33 -26.59 1.24
C GLU B 88 -2.11 -25.74 -0.01
N ASP B 89 -3.05 -24.84 -0.27
CA ASP B 89 -2.96 -23.95 -1.42
C ASP B 89 -2.21 -22.67 -1.03
N THR B 90 -1.72 -22.63 0.20
CA THR B 90 -0.98 -21.48 0.70
C THR B 90 0.36 -21.45 -0.01
N ALA B 91 0.59 -20.41 -0.79
CA ALA B 91 1.83 -20.27 -1.56
C ALA B 91 1.96 -18.88 -2.18
N THR B 92 3.11 -18.62 -2.80
CA THR B 92 3.32 -17.34 -3.49
C THR B 92 3.01 -17.68 -4.93
N TYR B 93 2.09 -16.95 -5.54
CA TYR B 93 1.73 -17.22 -6.92
C TYR B 93 2.48 -16.29 -7.89
N TYR B 94 2.88 -16.87 -9.02
CA TYR B 94 3.67 -16.18 -10.04
C TYR B 94 3.15 -16.35 -11.46
N CYS B 95 3.35 -15.32 -12.28
CA CYS B 95 3.02 -15.42 -13.69
C CYS B 95 4.34 -15.06 -14.39
N ALA B 96 4.73 -15.85 -15.39
CA ALA B 96 5.98 -15.62 -16.11
C ALA B 96 5.72 -15.66 -17.60
N ILE B 97 6.65 -15.07 -18.36
CA ILE B 97 6.50 -15.07 -19.81
C ILE B 97 6.85 -16.44 -20.38
N ASP B 98 6.31 -16.70 -21.56
CA ASP B 98 6.50 -17.95 -22.28
C ASP B 98 7.80 -18.69 -21.98
N ASP B 99 8.93 -18.05 -22.25
CA ASP B 99 10.24 -18.68 -22.02
C ASP B 99 10.76 -18.58 -20.59
N PHE B 100 9.91 -18.21 -19.64
CA PHE B 100 10.29 -18.10 -18.22
C PHE B 100 11.44 -17.17 -17.91
N ASP B 101 11.76 -16.23 -18.79
CA ASP B 101 12.87 -15.30 -18.53
C ASP B 101 12.43 -14.00 -17.88
N ILE B 102 11.14 -13.90 -17.57
CA ILE B 102 10.58 -12.71 -16.92
C ILE B 102 9.34 -13.13 -16.13
N TRP B 103 9.44 -12.98 -14.82
CA TRP B 103 8.36 -13.32 -13.91
C TRP B 103 7.84 -12.06 -13.25
N GLY B 104 6.74 -12.20 -12.53
CA GLY B 104 6.20 -11.06 -11.80
C GLY B 104 6.84 -11.15 -10.43
N ALA B 105 6.58 -10.18 -9.57
CA ALA B 105 7.14 -10.18 -8.23
C ALA B 105 6.51 -11.28 -7.38
N GLY B 106 5.36 -11.77 -7.84
CA GLY B 106 4.65 -12.82 -7.14
C GLY B 106 3.75 -12.25 -6.06
N THR B 107 2.62 -12.92 -5.81
CA THR B 107 1.68 -12.48 -4.77
C THR B 107 1.49 -13.63 -3.78
N THR B 108 1.71 -13.38 -2.50
CA THR B 108 1.56 -14.45 -1.52
C THR B 108 0.12 -14.58 -1.04
N VAL B 109 -0.35 -15.82 -0.99
CA VAL B 109 -1.71 -16.14 -0.58
C VAL B 109 -1.76 -17.11 0.59
N THR B 110 -2.47 -16.71 1.64
CA THR B 110 -2.64 -17.53 2.84
C THR B 110 -4.07 -18.06 2.91
N VAL B 111 -4.21 -19.37 3.02
CA VAL B 111 -5.52 -19.98 3.16
C VAL B 111 -5.62 -20.27 4.65
N SER B 112 -6.47 -19.51 5.34
CA SER B 112 -6.62 -19.66 6.78
C SER B 112 -7.95 -19.09 7.23
N SER B 113 -8.52 -19.66 8.29
CA SER B 113 -9.81 -19.21 8.81
C SER B 113 -9.65 -18.05 9.79
N ALA B 114 -8.41 -17.68 10.09
CA ALA B 114 -8.14 -16.57 10.99
C ALA B 114 -8.61 -15.28 10.32
N LYS B 115 -8.84 -14.25 11.12
CA LYS B 115 -9.30 -12.97 10.59
C LYS B 115 -8.09 -12.10 10.32
N THR B 116 -8.30 -11.04 9.54
CA THR B 116 -7.24 -10.10 9.20
C THR B 116 -6.99 -9.13 10.34
N THR B 117 -5.73 -8.92 10.69
CA THR B 117 -5.33 -8.03 11.77
C THR B 117 -4.17 -7.14 11.37
N PRO B 118 -4.39 -5.82 11.33
CA PRO B 118 -3.35 -4.85 10.98
C PRO B 118 -2.27 -4.82 12.06
N PRO B 119 -1.03 -4.47 11.71
CA PRO B 119 0.05 -4.44 12.70
C PRO B 119 0.14 -3.14 13.50
N SER B 120 0.79 -3.23 14.66
CA SER B 120 1.01 -2.08 15.53
C SER B 120 2.51 -1.84 15.42
N VAL B 121 2.91 -0.86 14.60
CA VAL B 121 4.33 -0.57 14.43
C VAL B 121 4.81 0.48 15.45
N TYR B 122 5.85 0.12 16.19
CA TYR B 122 6.41 0.99 17.22
C TYR B 122 7.83 1.45 16.87
N PRO B 123 8.19 2.69 17.21
CA PRO B 123 9.52 3.20 16.91
C PRO B 123 10.55 2.63 17.89
N LEU B 124 11.71 2.23 17.37
CA LEU B 124 12.77 1.70 18.22
C LEU B 124 13.97 2.64 18.23
N ALA B 125 14.08 3.39 19.31
CA ALA B 125 15.18 4.34 19.46
C ALA B 125 15.96 4.01 20.72
N PRO B 126 17.24 4.39 20.75
CA PRO B 126 18.17 4.17 21.86
C PRO B 126 17.85 5.02 23.09
N GLY B 127 18.00 4.42 24.27
CA GLY B 127 17.72 5.14 25.49
C GLY B 127 18.95 5.85 26.00
N SER B 128 19.20 7.05 25.50
CA SER B 128 20.38 7.80 25.91
C SER B 128 21.53 6.82 25.84
N ALA B 129 21.49 5.90 24.87
CA ALA B 129 22.54 4.90 24.75
C ALA B 129 22.71 4.04 23.48
N ALA B 130 22.53 4.62 22.29
CA ALA B 130 22.83 3.91 21.03
C ALA B 130 23.94 4.85 20.80
N GLN B 131 25.16 4.42 20.57
CA GLN B 131 26.10 5.50 20.57
C GLN B 131 27.28 5.92 19.76
N THR B 132 27.66 7.06 20.32
CA THR B 132 28.74 7.97 20.07
C THR B 132 29.92 7.55 19.25
N ASN B 133 29.69 6.69 18.28
CA ASN B 133 30.76 6.29 17.40
C ASN B 133 30.60 7.26 16.25
N SER B 134 30.31 6.68 15.10
CA SER B 134 30.07 7.43 13.88
C SER B 134 28.81 6.84 13.30
N MET B 135 28.40 5.70 13.85
CA MET B 135 27.20 5.00 13.42
C MET B 135 26.24 4.78 14.59
N VAL B 136 24.94 4.87 14.31
CA VAL B 136 23.89 4.68 15.31
C VAL B 136 22.82 3.80 14.69
N THR B 137 22.29 2.87 15.46
CA THR B 137 21.26 1.99 14.94
C THR B 137 19.89 2.30 15.52
N LEU B 138 18.91 2.39 14.62
CA LEU B 138 17.53 2.66 14.99
C LEU B 138 16.68 1.48 14.52
N GLY B 139 15.54 1.27 15.16
CA GLY B 139 14.70 0.15 14.79
C GLY B 139 13.22 0.48 14.64
N CYS B 140 12.47 -0.53 14.23
CA CYS B 140 11.04 -0.38 14.01
C CYS B 140 10.43 -1.76 14.20
N LEU B 141 9.47 -1.86 15.12
CA LEU B 141 8.80 -3.12 15.41
C LEU B 141 7.38 -3.16 14.86
N VAL B 142 7.07 -4.21 14.12
CA VAL B 142 5.75 -4.40 13.52
C VAL B 142 5.15 -5.62 14.22
N LYS B 143 4.21 -5.38 15.14
CA LYS B 143 3.63 -6.47 15.93
C LYS B 143 2.14 -6.82 15.81
N GLY B 144 1.82 -8.05 16.22
CA GLY B 144 0.46 -8.55 16.20
C GLY B 144 -0.35 -8.39 14.93
N TYR B 145 0.16 -8.89 13.82
CA TYR B 145 -0.53 -8.77 12.55
C TYR B 145 -0.78 -10.12 11.88
N PHE B 146 -1.64 -10.13 10.87
CA PHE B 146 -1.95 -11.35 10.14
C PHE B 146 -2.86 -11.00 8.96
N PRO B 147 -2.62 -11.61 7.79
CA PRO B 147 -1.56 -12.59 7.52
C PRO B 147 -0.36 -11.90 6.91
N GLU B 148 0.55 -12.68 6.35
CA GLU B 148 1.72 -12.11 5.70
C GLU B 148 1.23 -11.52 4.35
N PRO B 149 1.99 -10.61 3.76
CA PRO B 149 3.25 -10.11 4.30
C PRO B 149 3.09 -8.68 4.75
N VAL B 150 4.23 -8.00 4.83
CA VAL B 150 4.31 -6.59 5.16
C VAL B 150 5.56 -6.18 4.40
N THR B 151 5.69 -4.89 4.12
CA THR B 151 6.86 -4.40 3.43
C THR B 151 7.32 -3.23 4.26
N VAL B 152 8.59 -3.24 4.65
CA VAL B 152 9.16 -2.17 5.45
C VAL B 152 10.21 -1.44 4.67
N THR B 153 10.16 -0.11 4.69
CA THR B 153 11.15 0.69 3.98
C THR B 153 11.57 1.80 4.92
N TRP B 154 12.72 2.40 4.67
CA TRP B 154 13.19 3.49 5.50
C TRP B 154 13.29 4.76 4.64
N ASN B 155 12.70 5.84 5.14
CA ASN B 155 12.69 7.10 4.42
C ASN B 155 12.18 6.86 3.00
N SER B 156 10.97 6.31 2.92
CA SER B 156 10.31 6.02 1.65
C SER B 156 11.18 5.28 0.65
N GLY B 157 12.20 4.57 1.13
CA GLY B 157 13.05 3.82 0.23
C GLY B 157 14.43 4.41 -0.01
N SER B 158 14.66 5.63 0.49
CA SER B 158 15.95 6.29 0.32
C SER B 158 17.04 5.55 1.10
N LEU B 159 16.75 5.21 2.35
CA LEU B 159 17.69 4.46 3.16
C LEU B 159 17.58 2.99 2.74
N SER B 160 18.62 2.50 2.07
CA SER B 160 18.63 1.14 1.57
C SER B 160 19.76 0.35 2.22
N SER B 161 20.95 0.95 2.23
CA SER B 161 22.11 0.29 2.83
C SER B 161 21.96 0.35 4.34
N GLY B 162 22.54 -0.63 5.01
CA GLY B 162 22.47 -0.68 6.47
C GLY B 162 21.07 -0.99 7.00
N VAL B 163 20.23 -1.61 6.18
CA VAL B 163 18.88 -1.96 6.58
C VAL B 163 18.73 -3.46 6.71
N HIS B 164 18.32 -3.92 7.87
CA HIS B 164 18.12 -5.34 8.09
C HIS B 164 16.68 -5.57 8.50
N THR B 165 15.93 -6.28 7.66
CA THR B 165 14.55 -6.58 7.95
C THR B 165 14.47 -8.07 8.26
N PHE B 166 14.22 -8.40 9.51
CA PHE B 166 14.16 -9.79 9.95
C PHE B 166 12.81 -10.49 9.69
N PRO B 167 12.86 -11.78 9.34
CA PRO B 167 11.67 -12.59 9.06
C PRO B 167 10.63 -12.51 10.17
N ALA B 168 9.37 -12.55 9.81
CA ALA B 168 8.32 -12.48 10.81
C ALA B 168 8.17 -13.83 11.49
N VAL B 169 7.83 -13.79 12.77
CA VAL B 169 7.62 -15.02 13.52
C VAL B 169 6.15 -15.09 13.89
N LEU B 170 5.60 -16.29 13.77
CA LEU B 170 4.20 -16.53 14.06
C LEU B 170 4.02 -17.06 15.47
N GLN B 171 3.10 -16.45 16.21
CA GLN B 171 2.79 -16.88 17.58
C GLN B 171 1.43 -16.35 17.95
N SER B 172 0.60 -17.22 18.49
CA SER B 172 -0.75 -16.83 18.88
C SER B 172 -1.52 -16.51 17.60
N ASP B 173 -1.20 -17.26 16.56
CA ASP B 173 -1.84 -17.07 15.28
C ASP B 173 -1.66 -15.64 14.75
N LEU B 174 -0.71 -14.90 15.33
CA LEU B 174 -0.37 -13.52 14.95
C LEU B 174 1.13 -13.38 14.65
N TYR B 175 1.46 -12.61 13.61
CA TYR B 175 2.85 -12.40 13.19
C TYR B 175 3.51 -11.15 13.80
N THR B 176 4.82 -11.24 14.02
CA THR B 176 5.58 -10.12 14.56
C THR B 176 6.88 -10.03 13.78
N LEU B 177 7.33 -8.80 13.51
CA LEU B 177 8.54 -8.55 12.74
C LEU B 177 9.25 -7.25 13.13
N SER B 178 10.55 -7.16 12.84
CA SER B 178 11.31 -5.96 13.15
C SER B 178 12.28 -5.60 12.02
N SER B 179 12.74 -4.36 12.04
CA SER B 179 13.67 -3.85 11.05
C SER B 179 14.57 -2.79 11.67
N SER B 180 15.85 -2.84 11.36
CA SER B 180 16.80 -1.87 11.88
C SER B 180 17.53 -1.23 10.72
N VAL B 181 17.99 -0.01 10.95
CA VAL B 181 18.76 0.71 9.95
C VAL B 181 19.88 1.42 10.68
N THR B 182 21.10 1.29 10.16
CA THR B 182 22.26 1.93 10.76
C THR B 182 22.67 3.10 9.89
N VAL B 183 22.71 4.28 10.49
CA VAL B 183 23.07 5.49 9.76
C VAL B 183 24.15 6.24 10.50
N PRO B 184 24.81 7.20 9.82
CA PRO B 184 25.88 8.00 10.46
C PRO B 184 25.33 8.77 11.65
N SER B 185 26.18 9.02 12.65
CA SER B 185 25.75 9.76 13.83
C SER B 185 25.40 11.21 13.52
N SER B 186 25.91 11.72 12.41
CA SER B 186 25.64 13.09 12.03
C SER B 186 24.24 13.32 11.43
N PRO B 187 23.78 12.41 10.53
CA PRO B 187 22.46 12.58 9.93
C PRO B 187 21.29 12.37 10.88
N ARG B 188 21.57 11.93 12.10
CA ARG B 188 20.52 11.69 13.07
C ARG B 188 21.02 11.92 14.49
N PRO B 189 20.17 12.52 15.36
CA PRO B 189 18.81 12.97 15.04
C PRO B 189 18.73 14.27 14.25
N SER B 190 19.84 14.70 13.64
CA SER B 190 19.86 15.93 12.87
C SER B 190 18.78 15.87 11.79
N GLU B 191 18.88 14.85 10.94
CA GLU B 191 17.90 14.64 9.89
C GLU B 191 16.87 13.63 10.43
N THR B 192 15.74 13.46 9.75
CA THR B 192 14.70 12.53 10.23
C THR B 192 14.73 11.15 9.60
N VAL B 193 14.44 10.14 10.41
CA VAL B 193 14.39 8.76 9.94
C VAL B 193 12.99 8.22 10.23
N THR B 194 12.39 7.60 9.23
CA THR B 194 11.04 7.07 9.35
C THR B 194 10.91 5.70 8.69
N CYS B 195 10.18 4.78 9.33
CA CYS B 195 9.95 3.47 8.74
C CYS B 195 8.56 3.44 8.17
N ASN B 196 8.48 3.04 6.91
CA ASN B 196 7.23 2.96 6.20
C ASN B 196 6.79 1.49 6.16
N VAL B 197 5.81 1.17 6.98
CA VAL B 197 5.29 -0.18 7.04
C VAL B 197 3.93 -0.23 6.37
N ALA B 198 3.76 -1.20 5.49
CA ALA B 198 2.51 -1.38 4.78
C ALA B 198 2.08 -2.84 4.88
N HIS B 199 0.79 -3.05 5.10
CA HIS B 199 0.25 -4.38 5.23
C HIS B 199 -0.82 -4.53 4.18
N PRO B 200 -0.59 -5.39 3.18
CA PRO B 200 -1.56 -5.63 2.10
C PRO B 200 -2.95 -6.05 2.58
N ALA B 201 -2.99 -7.19 3.26
CA ALA B 201 -4.24 -7.76 3.75
C ALA B 201 -5.21 -6.79 4.41
N SER B 202 -4.69 -5.74 5.04
CA SER B 202 -5.55 -4.77 5.70
C SER B 202 -5.58 -3.43 4.96
N SER B 203 -4.72 -3.32 3.95
CA SER B 203 -4.62 -2.09 3.16
C SER B 203 -4.19 -0.94 4.06
N THR B 204 -3.37 -1.33 5.04
CA THR B 204 -2.80 -0.47 6.06
C THR B 204 -1.46 0.10 5.63
N LYS B 205 -1.17 1.30 6.12
CA LYS B 205 0.06 1.99 5.82
C LYS B 205 0.43 2.89 6.99
N VAL B 206 1.56 2.62 7.64
CA VAL B 206 1.99 3.43 8.78
C VAL B 206 3.39 3.98 8.52
N ASP B 207 3.65 5.18 9.05
CA ASP B 207 4.94 5.84 8.91
C ASP B 207 5.37 6.38 10.27
N LYS B 208 6.16 5.62 11.00
CA LYS B 208 6.61 6.05 12.32
C LYS B 208 7.97 6.72 12.25
N LYS B 209 8.04 7.93 12.81
CA LYS B 209 9.28 8.69 12.84
C LYS B 209 10.04 8.31 14.09
N ILE B 210 11.32 7.97 13.91
CA ILE B 210 12.15 7.59 15.04
C ILE B 210 12.65 8.88 15.70
N VAL B 211 12.02 9.25 16.82
CA VAL B 211 12.36 10.45 17.56
C VAL B 211 13.17 10.05 18.79
N PRO B 212 14.18 10.87 19.16
CA PRO B 212 15.00 10.52 20.33
C PRO B 212 14.17 10.51 21.61
N ARG B 213 14.56 9.66 22.56
CA ARG B 213 13.86 9.53 23.84
C ARG B 213 14.01 10.76 24.75
N ASP B 214 12.91 11.20 25.35
CA ASP B 214 12.94 12.37 26.24
C ASP B 214 13.14 12.00 27.71
N LYS C 2 16.75 -11.56 -27.26
CA LYS C 2 15.45 -12.33 -27.04
C LYS C 2 15.26 -13.81 -27.26
N ARG C 3 14.28 -14.12 -28.13
CA ARG C 3 13.80 -15.49 -28.23
C ARG C 3 14.34 -16.95 -28.36
N ILE C 4 14.55 -17.42 -27.11
CA ILE C 4 15.05 -18.75 -26.77
C ILE C 4 14.20 -20.01 -26.98
N HIS C 5 12.89 -19.90 -27.05
CA HIS C 5 12.08 -21.10 -27.31
C HIS C 5 12.12 -22.25 -26.29
N ILE C 6 11.59 -22.01 -25.09
CA ILE C 6 11.55 -23.05 -24.05
C ILE C 6 10.18 -22.98 -23.41
N GLY C 7 9.38 -22.02 -23.85
CA GLY C 7 8.06 -21.82 -23.29
C GLY C 7 6.92 -22.71 -23.73
N PRO C 8 5.74 -22.54 -23.10
CA PRO C 8 4.54 -23.32 -23.42
C PRO C 8 4.07 -23.26 -24.88
N GLY C 9 4.49 -22.24 -25.62
CA GLY C 9 4.04 -22.12 -27.01
C GLY C 9 5.19 -22.35 -27.96
N ARG C 10 5.74 -23.54 -27.90
CA ARG C 10 6.89 -23.91 -28.71
C ARG C 10 6.62 -24.17 -30.19
N ALA C 11 5.38 -24.46 -30.55
CA ALA C 11 5.06 -24.74 -31.95
C ALA C 11 4.28 -23.66 -32.68
N ASP D 1 -36.08 10.37 15.24
CA ASP D 1 -34.79 10.80 14.72
C ASP D 1 -34.72 12.31 14.58
N VAL D 2 -33.90 12.96 15.40
CA VAL D 2 -33.82 14.40 15.28
C VAL D 2 -33.35 14.65 13.86
N VAL D 3 -34.13 15.46 13.13
CA VAL D 3 -33.80 15.82 11.76
C VAL D 3 -33.06 17.15 11.85
N MET D 4 -31.84 17.17 11.32
CA MET D 4 -31.02 18.37 11.33
C MET D 4 -31.06 18.98 9.93
N THR D 5 -31.80 20.07 9.78
CA THR D 5 -31.94 20.74 8.50
C THR D 5 -30.97 21.90 8.34
N GLN D 6 -29.97 21.71 7.49
CA GLN D 6 -28.94 22.72 7.27
C GLN D 6 -29.09 23.52 5.97
N SER D 7 -28.85 24.82 6.06
CA SER D 7 -28.95 25.69 4.90
C SER D 7 -28.07 26.92 5.10
N PRO D 8 -27.52 27.48 4.00
CA PRO D 8 -27.68 27.00 2.64
C PRO D 8 -26.82 25.77 2.35
N VAL D 9 -27.06 25.13 1.21
CA VAL D 9 -26.30 23.96 0.80
C VAL D 9 -24.96 24.43 0.24
N SER D 10 -24.98 25.53 -0.49
CA SER D 10 -23.78 26.11 -1.08
C SER D 10 -23.70 27.55 -0.62
N LEU D 11 -22.52 27.94 -0.15
CA LEU D 11 -22.33 29.31 0.31
C LEU D 11 -21.12 29.99 -0.31
N PRO D 12 -21.33 30.70 -1.43
CA PRO D 12 -20.24 31.40 -2.13
C PRO D 12 -19.95 32.70 -1.39
N VAL D 13 -18.69 32.94 -1.07
CA VAL D 13 -18.31 34.15 -0.35
C VAL D 13 -16.95 34.67 -0.78
N SER D 14 -16.76 35.99 -0.65
CA SER D 14 -15.51 36.63 -1.02
C SER D 14 -14.58 36.68 0.19
N LEU D 15 -13.28 36.56 -0.05
CA LEU D 15 -12.31 36.59 1.02
C LEU D 15 -12.53 37.82 1.89
N GLY D 16 -12.45 37.64 3.20
CA GLY D 16 -12.65 38.75 4.12
C GLY D 16 -14.09 39.01 4.49
N ASP D 17 -15.03 38.46 3.74
CA ASP D 17 -16.44 38.67 4.04
C ASP D 17 -17.00 37.76 5.14
N GLN D 18 -18.20 38.09 5.60
CA GLN D 18 -18.87 37.34 6.65
C GLN D 18 -19.63 36.15 6.06
N ALA D 19 -19.55 35.01 6.72
CA ALA D 19 -20.22 33.80 6.27
C ALA D 19 -21.15 33.28 7.37
N SER D 20 -22.36 32.89 6.99
CA SER D 20 -23.34 32.37 7.96
C SER D 20 -24.01 31.06 7.53
N ILE D 21 -24.05 30.10 8.45
CA ILE D 21 -24.68 28.82 8.19
C ILE D 21 -25.80 28.66 9.22
N SER D 22 -26.86 27.97 8.83
CA SER D 22 -28.00 27.76 9.72
C SER D 22 -28.45 26.31 9.83
N CYS D 23 -28.77 25.88 11.05
CA CYS D 23 -29.29 24.52 11.30
C CYS D 23 -30.53 24.60 12.16
N ARG D 24 -31.49 23.77 11.82
CA ARG D 24 -32.73 23.70 12.55
C ARG D 24 -33.07 22.24 12.83
N SER D 25 -33.44 21.98 14.09
CA SER D 25 -33.80 20.64 14.54
C SER D 25 -35.31 20.50 14.70
N SER D 26 -35.81 19.29 14.48
CA SER D 26 -37.24 19.00 14.61
C SER D 26 -37.60 18.82 16.09
N GLN D 27 -36.57 18.73 16.92
CA GLN D 27 -36.75 18.56 18.35
C GLN D 27 -35.86 19.52 19.11
N SER D 28 -36.31 19.92 20.30
CA SER D 28 -35.50 20.78 21.12
C SER D 28 -34.23 19.96 21.40
N LEU D 29 -33.08 20.61 21.51
CA LEU D 29 -31.83 19.91 21.78
C LEU D 29 -31.30 20.27 23.17
N GLY D 30 -32.14 20.98 23.93
CA GLY D 30 -31.77 21.42 25.26
C GLY D 30 -32.29 22.84 25.50
N HIS D 31 -32.21 23.32 26.74
CA HIS D 31 -32.68 24.68 27.07
C HIS D 31 -31.69 25.48 27.91
N SER D 32 -30.43 25.61 27.47
CA SER D 32 -29.46 26.38 28.25
C SER D 32 -28.15 26.74 27.55
N SER D 33 -27.77 25.97 26.54
CA SER D 33 -26.53 26.16 25.80
C SER D 33 -25.40 25.39 26.46
N GLY D 34 -25.61 25.00 27.70
CA GLY D 34 -24.62 24.20 28.44
C GLY D 34 -25.26 22.83 28.65
N ASN D 35 -26.44 22.70 28.06
CA ASN D 35 -27.26 21.48 28.12
C ASN D 35 -27.67 21.18 26.68
N THR D 36 -27.39 22.14 25.79
CA THR D 36 -27.72 21.99 24.38
C THR D 36 -26.50 21.46 23.64
N TYR D 37 -26.60 20.21 23.20
CA TYR D 37 -25.52 19.53 22.49
C TYR D 37 -25.65 19.58 20.98
N LEU D 38 -25.40 20.75 20.41
CA LEU D 38 -25.42 20.96 18.98
C LEU D 38 -23.99 21.43 18.70
N HIS D 39 -23.34 20.82 17.71
CA HIS D 39 -21.97 21.18 17.42
C HIS D 39 -21.75 21.46 15.95
N TRP D 40 -20.58 22.02 15.64
CA TRP D 40 -20.21 22.34 14.27
C TRP D 40 -18.82 21.82 13.92
N PHE D 41 -18.76 21.05 12.83
CA PHE D 41 -17.53 20.44 12.34
C PHE D 41 -17.25 21.02 10.96
N LEU D 42 -16.03 20.82 10.49
CA LEU D 42 -15.61 21.27 9.18
C LEU D 42 -14.90 20.09 8.55
N GLN D 43 -15.25 19.77 7.31
CA GLN D 43 -14.54 18.69 6.64
C GLN D 43 -13.85 19.22 5.39
N LYS D 44 -12.52 19.28 5.47
CA LYS D 44 -11.66 19.75 4.39
C LYS D 44 -11.56 18.68 3.33
N PRO D 45 -11.24 19.09 2.09
CA PRO D 45 -11.12 18.11 1.01
C PRO D 45 -10.05 17.06 1.34
N GLY D 46 -10.44 15.80 1.33
CA GLY D 46 -9.53 14.70 1.62
C GLY D 46 -9.06 14.57 3.06
N GLN D 47 -9.86 15.03 4.01
CA GLN D 47 -9.51 14.96 5.43
C GLN D 47 -10.70 14.47 6.24
N SER D 48 -10.45 14.25 7.54
CA SER D 48 -11.48 13.80 8.46
C SER D 48 -12.17 15.04 9.05
N PRO D 49 -13.34 14.86 9.67
CA PRO D 49 -14.08 15.97 10.27
C PRO D 49 -13.35 16.63 11.45
N LYS D 50 -13.29 17.96 11.43
CA LYS D 50 -12.63 18.70 12.51
C LYS D 50 -13.62 19.53 13.34
N LEU D 51 -13.72 19.19 14.62
CA LEU D 51 -14.62 19.87 15.56
C LEU D 51 -14.20 21.32 15.73
N LEU D 52 -15.06 22.24 15.32
CA LEU D 52 -14.75 23.67 15.45
C LEU D 52 -15.52 24.31 16.60
N ILE D 53 -16.78 23.90 16.74
CA ILE D 53 -17.66 24.43 17.78
C ILE D 53 -18.55 23.39 18.44
N TYR D 54 -18.54 23.37 19.78
CA TYR D 54 -19.34 22.42 20.55
C TYR D 54 -20.22 23.16 21.56
N LYS D 55 -21.37 22.57 21.87
CA LYS D 55 -22.30 23.16 22.83
C LYS D 55 -22.82 24.50 22.33
N VAL D 56 -23.22 24.51 21.07
CA VAL D 56 -23.78 25.72 20.47
C VAL D 56 -22.79 26.86 20.27
N SER D 57 -22.10 27.27 21.35
CA SER D 57 -21.18 28.41 21.25
C SER D 57 -19.74 28.25 21.72
N ASN D 58 -19.39 27.13 22.33
CA ASN D 58 -18.03 26.94 22.82
C ASN D 58 -17.07 26.59 21.69
N ARG D 59 -16.09 27.47 21.48
CA ARG D 59 -15.11 27.27 20.43
C ARG D 59 -14.07 26.29 20.93
N PHE D 60 -13.74 25.29 20.11
CA PHE D 60 -12.76 24.28 20.50
C PHE D 60 -11.34 24.85 20.51
N SER D 61 -10.40 24.09 21.09
CA SER D 61 -9.01 24.54 21.17
C SER D 61 -8.35 24.58 19.81
N GLY D 62 -7.68 25.70 19.54
CA GLY D 62 -6.99 25.84 18.28
C GLY D 62 -7.87 26.43 17.19
N VAL D 63 -9.09 26.80 17.53
CA VAL D 63 -9.98 27.38 16.55
C VAL D 63 -9.97 28.89 16.73
N PRO D 64 -9.65 29.63 15.67
CA PRO D 64 -9.60 31.10 15.70
C PRO D 64 -10.93 31.76 16.08
N ASP D 65 -10.84 32.96 16.62
CA ASP D 65 -12.04 33.69 17.03
C ASP D 65 -12.94 34.12 15.89
N ARG D 66 -12.52 33.89 14.64
CA ARG D 66 -13.34 34.25 13.49
C ARG D 66 -14.56 33.35 13.43
N PHE D 67 -14.46 32.21 14.12
CA PHE D 67 -15.54 31.22 14.18
C PHE D 67 -16.42 31.48 15.40
N SER D 68 -17.70 31.71 15.14
CA SER D 68 -18.65 32.01 16.19
C SER D 68 -19.80 31.01 16.19
N GLY D 69 -20.50 30.92 17.32
CA GLY D 69 -21.62 30.01 17.44
C GLY D 69 -22.70 30.50 18.40
N SER D 70 -23.96 30.36 17.99
CA SER D 70 -25.08 30.77 18.83
C SER D 70 -26.36 30.07 18.39
N GLY D 71 -27.32 29.97 19.30
CA GLY D 71 -28.57 29.29 18.98
C GLY D 71 -29.64 29.41 20.04
N SER D 72 -30.64 28.53 19.96
CA SER D 72 -31.75 28.52 20.90
C SER D 72 -32.77 27.45 20.52
N GLY D 73 -33.17 26.64 21.49
CA GLY D 73 -34.16 25.60 21.24
C GLY D 73 -33.95 24.74 20.01
N THR D 74 -34.33 25.27 18.84
CA THR D 74 -34.19 24.52 17.58
C THR D 74 -33.45 25.31 16.49
N ASP D 75 -33.15 26.58 16.76
CA ASP D 75 -32.45 27.42 15.80
C ASP D 75 -31.00 27.70 16.15
N PHE D 76 -30.11 27.34 15.24
CA PHE D 76 -28.67 27.54 15.46
C PHE D 76 -27.98 28.17 14.24
N THR D 77 -27.12 29.16 14.49
CA THR D 77 -26.39 29.83 13.42
C THR D 77 -24.89 29.75 13.66
N PHE D 78 -24.16 29.42 12.60
CA PHE D 78 -22.71 29.33 12.64
C PHE D 78 -22.20 30.48 11.79
N LYS D 79 -21.26 31.25 12.34
CA LYS D 79 -20.72 32.39 11.63
C LYS D 79 -19.19 32.42 11.53
N ILE D 80 -18.72 32.96 10.42
CA ILE D 80 -17.29 33.12 10.13
C ILE D 80 -17.13 34.58 9.72
N SER D 81 -16.67 35.40 10.66
CA SER D 81 -16.48 36.84 10.44
C SER D 81 -15.73 37.20 9.17
N ARG D 82 -14.42 36.98 9.17
CA ARG D 82 -13.58 37.29 8.01
C ARG D 82 -13.23 35.98 7.32
N VAL D 83 -13.90 35.70 6.20
CA VAL D 83 -13.62 34.46 5.47
C VAL D 83 -12.20 34.45 4.89
N GLU D 84 -11.47 33.39 5.20
CA GLU D 84 -10.11 33.22 4.70
C GLU D 84 -10.07 32.06 3.72
N ALA D 85 -8.97 31.94 2.99
CA ALA D 85 -8.84 30.89 1.99
C ALA D 85 -8.86 29.48 2.56
N GLU D 86 -8.27 29.29 3.74
CA GLU D 86 -8.21 27.98 4.35
C GLU D 86 -9.54 27.51 4.97
N ASP D 87 -10.56 28.36 4.91
CA ASP D 87 -11.88 28.03 5.47
C ASP D 87 -12.68 27.15 4.51
N LEU D 88 -12.13 26.98 3.32
CA LEU D 88 -12.72 26.17 2.26
C LEU D 88 -13.08 24.76 2.77
N GLY D 89 -14.24 24.27 2.37
CA GLY D 89 -14.67 22.93 2.78
C GLY D 89 -16.17 22.88 3.02
N VAL D 90 -16.63 21.78 3.60
CA VAL D 90 -18.05 21.60 3.89
C VAL D 90 -18.28 21.61 5.39
N TYR D 91 -19.19 22.46 5.85
CA TYR D 91 -19.50 22.54 7.26
C TYR D 91 -20.72 21.73 7.63
N PHE D 92 -20.62 21.00 8.74
CA PHE D 92 -21.74 20.17 9.20
C PHE D 92 -22.11 20.52 10.61
N CYS D 93 -23.41 20.49 10.89
CA CYS D 93 -23.88 20.73 12.24
C CYS D 93 -24.20 19.32 12.70
N PHE D 94 -24.22 19.10 13.99
CA PHE D 94 -24.42 17.74 14.51
C PHE D 94 -24.87 17.81 15.98
N GLN D 95 -25.81 16.95 16.35
CA GLN D 95 -26.31 16.96 17.71
C GLN D 95 -26.04 15.64 18.43
N THR D 96 -25.80 15.72 19.73
CA THR D 96 -25.59 14.50 20.51
C THR D 96 -26.50 14.50 21.74
N THR D 97 -27.57 15.29 21.67
CA THR D 97 -28.53 15.38 22.77
C THR D 97 -29.37 14.10 22.85
N HIS D 98 -29.81 13.61 21.70
CA HIS D 98 -30.64 12.42 21.61
C HIS D 98 -30.00 11.30 20.79
N ASP D 99 -30.40 10.08 21.11
CA ASP D 99 -29.95 8.91 20.39
C ASP D 99 -31.05 8.62 19.39
N PRO D 100 -30.68 8.30 18.13
CA PRO D 100 -29.28 8.24 17.69
C PRO D 100 -28.82 9.63 17.30
N TYR D 101 -27.53 9.91 17.51
CA TYR D 101 -26.97 11.22 17.17
C TYR D 101 -27.17 11.47 15.69
N THR D 102 -27.67 12.64 15.33
CA THR D 102 -27.92 12.97 13.93
C THR D 102 -27.18 14.21 13.39
N PHE D 103 -26.88 14.20 12.09
CA PHE D 103 -26.15 15.26 11.40
C PHE D 103 -27.02 16.10 10.46
N GLY D 104 -26.49 17.26 10.07
CA GLY D 104 -27.17 18.14 9.14
C GLY D 104 -26.67 17.80 7.74
N GLY D 105 -27.44 18.15 6.72
CA GLY D 105 -27.03 17.84 5.36
C GLY D 105 -25.65 18.35 4.98
N GLY D 106 -25.19 19.39 5.67
CA GLY D 106 -23.90 19.97 5.37
C GLY D 106 -24.00 21.22 4.51
N THR D 107 -22.99 22.08 4.58
CA THR D 107 -22.98 23.31 3.80
C THR D 107 -21.62 23.45 3.12
N LYS D 108 -21.61 23.48 1.79
CA LYS D 108 -20.37 23.60 1.05
C LYS D 108 -20.03 25.07 0.91
N LEU D 109 -18.92 25.48 1.53
CA LEU D 109 -18.47 26.86 1.49
C LEU D 109 -17.37 27.04 0.44
N GLU D 110 -17.61 27.94 -0.49
CA GLU D 110 -16.66 28.22 -1.56
C GLU D 110 -16.25 29.68 -1.63
N ILE D 111 -14.97 29.90 -1.94
CA ILE D 111 -14.41 31.24 -2.01
C ILE D 111 -14.59 31.95 -3.35
N LYS D 112 -14.97 33.22 -3.27
CA LYS D 112 -15.16 34.05 -4.45
C LYS D 112 -13.92 34.92 -4.58
N ARG D 113 -13.07 34.54 -5.52
CA ARG D 113 -11.83 35.25 -5.80
C ARG D 113 -11.92 35.87 -7.20
N ALA D 114 -10.82 36.46 -7.67
CA ALA D 114 -10.80 37.10 -8.98
C ALA D 114 -10.65 36.08 -10.11
N ASP D 115 -11.24 36.39 -11.27
CA ASP D 115 -11.14 35.48 -12.41
C ASP D 115 -9.68 35.19 -12.77
N ALA D 116 -9.42 33.98 -13.26
CA ALA D 116 -8.09 33.56 -13.65
C ALA D 116 -8.16 32.61 -14.85
N ALA D 117 -7.24 32.78 -15.79
CA ALA D 117 -7.21 31.92 -16.97
C ALA D 117 -6.50 30.62 -16.65
N PRO D 118 -6.87 29.54 -17.34
CA PRO D 118 -6.25 28.24 -17.11
C PRO D 118 -4.90 28.05 -17.82
N THR D 119 -4.02 27.28 -17.20
CA THR D 119 -2.73 26.98 -17.81
C THR D 119 -2.93 25.61 -18.44
N VAL D 120 -3.06 25.58 -19.76
CA VAL D 120 -3.28 24.34 -20.50
C VAL D 120 -2.02 23.67 -21.02
N SER D 121 -1.96 22.35 -20.88
CA SER D 121 -0.85 21.55 -21.36
C SER D 121 -1.41 20.23 -21.87
N ILE D 122 -0.97 19.79 -23.05
CA ILE D 122 -1.46 18.55 -23.64
C ILE D 122 -0.40 17.46 -23.65
N PHE D 123 -0.82 16.22 -23.41
CA PHE D 123 0.08 15.08 -23.39
C PHE D 123 -0.35 13.97 -24.32
N PRO D 124 0.59 13.46 -25.13
CA PRO D 124 0.29 12.37 -26.07
C PRO D 124 0.16 11.06 -25.29
N PRO D 125 -0.37 10.01 -25.94
CA PRO D 125 -0.51 8.72 -25.25
C PRO D 125 0.87 8.16 -24.88
N SER D 126 0.94 7.46 -23.75
CA SER D 126 2.19 6.89 -23.29
C SER D 126 2.68 5.80 -24.23
N SER D 127 4.01 5.66 -24.29
CA SER D 127 4.63 4.66 -25.13
C SER D 127 4.14 3.26 -24.72
N GLU D 128 3.84 3.11 -23.43
CA GLU D 128 3.39 1.82 -22.92
C GLU D 128 1.89 1.51 -23.03
N GLN D 129 1.04 2.52 -23.05
CA GLN D 129 -0.39 2.27 -23.17
C GLN D 129 -0.65 1.74 -24.57
N LEU D 130 0.12 2.25 -25.53
CA LEU D 130 -0.01 1.83 -26.93
C LEU D 130 0.30 0.35 -27.12
N THR D 131 1.38 -0.12 -26.51
CA THR D 131 1.77 -1.52 -26.58
C THR D 131 0.72 -2.38 -25.86
N SER D 132 -0.30 -1.72 -25.32
CA SER D 132 -1.37 -2.42 -24.60
C SER D 132 -2.77 -2.18 -25.17
N GLY D 133 -2.84 -1.99 -26.48
CA GLY D 133 -4.12 -1.82 -27.16
C GLY D 133 -4.87 -0.50 -27.18
N GLY D 134 -4.61 0.39 -26.22
CA GLY D 134 -5.34 1.64 -26.21
C GLY D 134 -4.50 2.90 -26.33
N ALA D 135 -5.16 4.05 -26.47
CA ALA D 135 -4.48 5.33 -26.60
C ALA D 135 -5.29 6.46 -25.96
N SER D 136 -4.74 7.05 -24.91
CA SER D 136 -5.39 8.13 -24.19
C SER D 136 -4.64 9.45 -24.29
N VAL D 137 -5.33 10.49 -24.74
CA VAL D 137 -4.76 11.82 -24.87
C VAL D 137 -5.27 12.66 -23.69
N VAL D 138 -4.36 13.12 -22.83
CA VAL D 138 -4.75 13.94 -21.68
C VAL D 138 -4.38 15.41 -21.91
N CYS D 139 -5.08 16.29 -21.21
CA CYS D 139 -4.86 17.73 -21.32
C CYS D 139 -5.27 18.35 -19.98
N PHE D 140 -4.35 19.06 -19.33
CA PHE D 140 -4.65 19.69 -18.04
C PHE D 140 -4.91 21.19 -18.16
N LEU D 141 -5.89 21.66 -17.41
CA LEU D 141 -6.25 23.07 -17.35
C LEU D 141 -6.11 23.40 -15.88
N ASN D 142 -4.96 23.94 -15.50
CA ASN D 142 -4.69 24.25 -14.10
C ASN D 142 -4.86 25.69 -13.62
N ASN D 143 -5.29 25.78 -12.36
CA ASN D 143 -5.52 27.02 -11.63
C ASN D 143 -6.26 28.16 -12.35
N PHE D 144 -7.57 28.00 -12.50
CA PHE D 144 -8.41 29.01 -13.14
C PHE D 144 -9.58 29.35 -12.25
N TYR D 145 -10.35 30.34 -12.69
CA TYR D 145 -11.53 30.78 -11.94
C TYR D 145 -12.35 31.70 -12.83
N PRO D 146 -13.68 31.54 -12.83
CA PRO D 146 -14.47 30.56 -12.07
C PRO D 146 -14.41 29.10 -12.56
N LYS D 147 -15.11 28.24 -11.83
CA LYS D 147 -15.19 26.81 -12.09
C LYS D 147 -15.74 26.41 -13.48
N ASP D 148 -16.68 27.19 -14.02
CA ASP D 148 -17.28 26.89 -15.32
C ASP D 148 -16.23 26.94 -16.44
N ILE D 149 -16.21 25.93 -17.31
CA ILE D 149 -15.24 25.88 -18.40
C ILE D 149 -15.55 24.77 -19.40
N ASN D 150 -15.32 25.05 -20.68
CA ASN D 150 -15.55 24.07 -21.73
C ASN D 150 -14.26 23.61 -22.37
N VAL D 151 -14.26 22.36 -22.80
CA VAL D 151 -13.09 21.77 -23.45
C VAL D 151 -13.49 21.12 -24.76
N LYS D 152 -12.89 21.58 -25.84
CA LYS D 152 -13.16 21.06 -27.18
C LYS D 152 -12.01 20.14 -27.52
N TRP D 153 -12.26 19.19 -28.43
CA TRP D 153 -11.24 18.26 -28.87
C TRP D 153 -11.28 18.05 -30.37
N LYS D 154 -10.24 18.50 -31.05
CA LYS D 154 -10.19 18.36 -32.50
C LYS D 154 -9.14 17.31 -32.90
N ILE D 155 -9.53 16.42 -33.81
CA ILE D 155 -8.63 15.40 -34.31
C ILE D 155 -8.48 15.70 -35.81
N ASP D 156 -7.31 16.21 -36.17
CA ASP D 156 -7.03 16.59 -37.55
C ASP D 156 -8.04 17.65 -37.99
N GLY D 157 -8.42 18.52 -37.06
CA GLY D 157 -9.36 19.58 -37.37
C GLY D 157 -10.80 19.32 -36.96
N SER D 158 -11.25 18.08 -37.07
CA SER D 158 -12.62 17.73 -36.72
C SER D 158 -12.84 17.59 -35.21
N GLU D 159 -14.02 18.00 -34.76
CA GLU D 159 -14.40 17.92 -33.35
C GLU D 159 -14.80 16.49 -32.95
N ARG D 160 -14.30 16.06 -31.81
CA ARG D 160 -14.57 14.72 -31.28
C ARG D 160 -15.11 14.85 -29.85
N GLN D 161 -16.43 14.85 -29.71
CA GLN D 161 -17.06 14.99 -28.41
C GLN D 161 -17.41 13.65 -27.76
N ASN D 162 -17.22 12.57 -28.52
CA ASN D 162 -17.52 11.22 -28.05
C ASN D 162 -16.28 10.58 -27.45
N GLY D 163 -16.36 10.20 -26.18
CA GLY D 163 -15.23 9.56 -25.54
C GLY D 163 -14.33 10.46 -24.72
N VAL D 164 -14.87 11.57 -24.23
CA VAL D 164 -14.11 12.51 -23.40
C VAL D 164 -14.63 12.52 -21.96
N LEU D 165 -13.72 12.52 -20.99
CA LEU D 165 -14.09 12.56 -19.58
C LEU D 165 -13.38 13.75 -18.92
N ASN D 166 -14.11 14.45 -18.05
CA ASN D 166 -13.56 15.61 -17.40
C ASN D 166 -13.76 15.53 -15.90
N SER D 167 -12.79 16.04 -15.14
CA SER D 167 -12.87 16.03 -13.68
C SER D 167 -12.24 17.30 -13.11
N TRP D 168 -12.94 17.93 -12.17
CA TRP D 168 -12.45 19.14 -11.53
C TRP D 168 -11.99 18.84 -10.11
N THR D 169 -10.88 19.46 -9.70
CA THR D 169 -10.38 19.29 -8.35
C THR D 169 -11.18 20.22 -7.44
N ASP D 170 -11.06 20.03 -6.13
CA ASP D 170 -11.77 20.90 -5.19
C ASP D 170 -11.06 22.24 -5.27
N GLN D 171 -11.70 23.30 -4.78
CA GLN D 171 -11.08 24.63 -4.78
C GLN D 171 -9.76 24.54 -4.07
N ASP D 172 -8.75 25.26 -4.56
CA ASP D 172 -7.45 25.24 -3.92
C ASP D 172 -7.58 26.02 -2.61
N SER D 173 -7.01 25.47 -1.55
CA SER D 173 -7.06 26.12 -0.24
C SER D 173 -5.99 27.20 -0.08
N LYS D 174 -5.29 27.50 -1.18
CA LYS D 174 -4.24 28.53 -1.16
C LYS D 174 -4.53 29.64 -2.16
N ASP D 175 -4.80 29.29 -3.41
CA ASP D 175 -5.09 30.29 -4.43
C ASP D 175 -6.59 30.34 -4.79
N SER D 176 -7.35 29.44 -4.18
CA SER D 176 -8.80 29.35 -4.39
C SER D 176 -9.21 29.17 -5.85
N THR D 177 -8.39 28.46 -6.61
CA THR D 177 -8.69 28.21 -8.01
C THR D 177 -9.18 26.77 -8.20
N TYR D 178 -9.63 26.47 -9.41
CA TYR D 178 -10.06 25.13 -9.76
C TYR D 178 -9.13 24.62 -10.85
N SER D 179 -9.04 23.31 -10.99
CA SER D 179 -8.22 22.73 -12.03
C SER D 179 -9.08 21.67 -12.67
N MET D 180 -8.78 21.34 -13.92
CA MET D 180 -9.55 20.34 -14.63
C MET D 180 -8.65 19.48 -15.50
N SER D 181 -9.03 18.22 -15.63
CA SER D 181 -8.31 17.27 -16.45
C SER D 181 -9.30 16.78 -17.49
N SER D 182 -8.87 16.69 -18.75
CA SER D 182 -9.75 16.23 -19.81
C SER D 182 -9.07 15.05 -20.50
N THR D 183 -9.76 13.93 -20.59
CA THR D 183 -9.19 12.75 -21.22
C THR D 183 -9.99 12.24 -22.41
N LEU D 184 -9.33 12.20 -23.56
CA LEU D 184 -9.91 11.72 -24.81
C LEU D 184 -9.39 10.31 -25.09
N THR D 185 -10.23 9.29 -24.91
CA THR D 185 -9.80 7.93 -25.16
C THR D 185 -10.20 7.39 -26.54
N LEU D 186 -9.26 6.67 -27.15
CA LEU D 186 -9.43 6.07 -28.46
C LEU D 186 -8.65 4.76 -28.45
N THR D 187 -8.80 4.00 -29.53
CA THR D 187 -8.08 2.76 -29.68
C THR D 187 -6.75 3.16 -30.32
N LYS D 188 -5.76 2.27 -30.27
CA LYS D 188 -4.46 2.57 -30.85
C LYS D 188 -4.62 2.84 -32.34
N ASP D 189 -5.29 1.91 -33.02
CA ASP D 189 -5.51 2.02 -34.46
C ASP D 189 -6.07 3.36 -34.91
N GLU D 190 -7.16 3.81 -34.30
CA GLU D 190 -7.70 5.10 -34.72
C GLU D 190 -6.67 6.19 -34.43
N TYR D 191 -6.02 6.11 -33.27
CA TYR D 191 -5.00 7.10 -32.91
C TYR D 191 -3.93 7.18 -34.00
N GLU D 192 -3.41 6.04 -34.42
CA GLU D 192 -2.40 6.01 -35.45
C GLU D 192 -2.89 6.59 -36.77
N ARG D 193 -4.17 6.46 -37.07
CA ARG D 193 -4.73 6.98 -38.33
C ARG D 193 -4.67 8.49 -38.46
N HIS D 194 -4.47 9.20 -37.35
CA HIS D 194 -4.46 10.66 -37.39
C HIS D 194 -3.16 11.29 -36.89
N ASN D 195 -2.94 12.56 -37.22
CA ASN D 195 -1.73 13.26 -36.82
C ASN D 195 -1.89 14.31 -35.74
N SER D 196 -2.67 15.35 -36.05
CA SER D 196 -2.86 16.46 -35.13
C SER D 196 -4.00 16.36 -34.12
N TYR D 197 -3.65 16.47 -32.84
CA TYR D 197 -4.62 16.43 -31.75
C TYR D 197 -4.61 17.78 -31.05
N THR D 198 -5.78 18.39 -30.97
CA THR D 198 -5.92 19.71 -30.36
C THR D 198 -6.82 19.69 -29.13
N CYS D 199 -6.49 20.56 -28.20
CA CYS D 199 -7.22 20.72 -26.94
C CYS D 199 -7.54 22.21 -26.81
N GLU D 200 -8.82 22.58 -26.92
CA GLU D 200 -9.26 23.98 -26.84
C GLU D 200 -10.06 24.33 -25.59
N ALA D 201 -9.55 25.29 -24.81
CA ALA D 201 -10.20 25.70 -23.58
C ALA D 201 -10.74 27.13 -23.64
N THR D 202 -12.06 27.27 -23.71
CA THR D 202 -12.67 28.58 -23.73
C THR D 202 -13.15 28.86 -22.30
N HIS D 203 -12.80 30.03 -21.79
CA HIS D 203 -13.16 30.41 -20.42
C HIS D 203 -13.42 31.91 -20.34
N LYS D 204 -14.39 32.26 -19.51
CA LYS D 204 -14.82 33.64 -19.26
C LYS D 204 -13.70 34.68 -19.38
N THR D 205 -12.49 34.32 -18.96
CA THR D 205 -11.35 35.23 -18.98
C THR D 205 -10.75 35.47 -20.36
N SER D 206 -11.49 35.15 -21.41
CA SER D 206 -10.99 35.34 -22.76
C SER D 206 -12.04 34.98 -23.81
N THR D 207 -12.09 35.78 -24.87
CA THR D 207 -13.03 35.55 -25.96
C THR D 207 -12.44 34.46 -26.83
N SER D 208 -11.12 34.50 -26.98
CA SER D 208 -10.38 33.54 -27.79
C SER D 208 -10.08 32.27 -26.99
N PRO D 209 -10.14 31.10 -27.64
CA PRO D 209 -9.86 29.82 -27.00
C PRO D 209 -8.36 29.57 -26.84
N ILE D 210 -7.95 29.00 -25.71
CA ILE D 210 -6.54 28.68 -25.52
C ILE D 210 -6.38 27.35 -26.24
N VAL D 211 -5.50 27.30 -27.22
CA VAL D 211 -5.30 26.08 -27.98
C VAL D 211 -3.94 25.42 -27.78
N LYS D 212 -3.96 24.14 -27.43
CA LYS D 212 -2.74 23.37 -27.23
C LYS D 212 -2.90 22.10 -28.05
N SER D 213 -1.85 21.69 -28.74
CA SER D 213 -1.93 20.49 -29.56
C SER D 213 -0.58 19.79 -29.76
N PHE D 214 -0.58 18.76 -30.60
CA PHE D 214 0.64 18.03 -30.90
C PHE D 214 0.47 17.18 -32.15
N ASN D 215 1.57 17.00 -32.89
CA ASN D 215 1.56 16.20 -34.10
C ASN D 215 2.07 14.81 -33.77
N ARG D 216 1.20 13.80 -33.88
CA ARG D 216 1.61 12.43 -33.55
C ARG D 216 2.98 12.11 -34.10
N ASN D 217 3.10 11.90 -35.41
CA ASN D 217 4.40 11.59 -35.96
C ASN D 217 5.31 12.80 -35.74
N GLU E 1 -1.37 11.10 23.77
CA GLU E 1 -1.60 11.69 22.44
C GLU E 1 -2.20 10.61 21.51
N VAL E 2 -3.51 10.71 21.26
CA VAL E 2 -4.31 9.75 20.49
C VAL E 2 -4.36 9.72 18.94
N GLN E 3 -4.33 8.51 18.38
CA GLN E 3 -4.39 8.29 16.93
C GLN E 3 -5.40 7.18 16.63
N LEU E 4 -6.19 7.34 15.57
CA LEU E 4 -7.17 6.32 15.20
C LEU E 4 -6.96 5.86 13.75
N GLN E 5 -7.07 4.56 13.53
CA GLN E 5 -6.87 3.97 12.21
C GLN E 5 -7.91 2.89 11.90
N GLU E 6 -8.76 3.11 10.90
CA GLU E 6 -9.77 2.12 10.51
C GLU E 6 -9.24 1.31 9.34
N SER E 7 -9.60 0.03 9.29
CA SER E 7 -9.17 -0.84 8.22
C SER E 7 -10.22 -1.89 7.92
N GLY E 8 -10.12 -2.50 6.75
CA GLY E 8 -11.05 -3.53 6.35
C GLY E 8 -11.00 -3.71 4.84
N PRO E 9 -11.98 -4.41 4.24
CA PRO E 9 -12.02 -4.63 2.79
C PRO E 9 -12.60 -3.40 2.11
N SER E 10 -12.04 -3.02 0.96
CA SER E 10 -12.59 -1.87 0.26
C SER E 10 -13.64 -2.34 -0.72
N LEU E 11 -13.88 -3.66 -0.73
CA LEU E 11 -14.85 -4.27 -1.62
C LEU E 11 -15.55 -5.47 -0.97
N VAL E 12 -16.88 -5.51 -1.05
CA VAL E 12 -17.67 -6.59 -0.50
C VAL E 12 -18.83 -6.90 -1.43
N LYS E 13 -19.20 -8.18 -1.54
CA LYS E 13 -20.31 -8.57 -2.40
C LYS E 13 -21.63 -8.40 -1.66
N PRO E 14 -22.69 -7.99 -2.37
CA PRO E 14 -24.00 -7.80 -1.75
C PRO E 14 -24.40 -9.09 -1.02
N SER E 15 -24.99 -8.94 0.17
CA SER E 15 -25.43 -10.07 0.96
C SER E 15 -24.37 -10.57 1.95
N GLN E 16 -23.12 -10.26 1.70
CA GLN E 16 -22.07 -10.71 2.61
C GLN E 16 -21.94 -9.75 3.78
N THR E 17 -21.08 -10.07 4.74
CA THR E 17 -20.91 -9.20 5.89
C THR E 17 -19.62 -8.38 5.85
N LEU E 18 -19.72 -7.16 6.35
CA LEU E 18 -18.61 -6.24 6.40
C LEU E 18 -17.94 -6.31 7.77
N SER E 19 -16.62 -6.32 7.77
CA SER E 19 -15.89 -6.39 9.03
C SER E 19 -14.77 -5.37 9.05
N LEU E 20 -14.92 -4.35 9.90
CA LEU E 20 -13.93 -3.30 10.03
C LEU E 20 -13.20 -3.37 11.37
N THR E 21 -12.03 -2.76 11.42
CA THR E 21 -11.22 -2.72 12.63
C THR E 21 -10.75 -1.27 12.85
N CYS E 22 -10.66 -0.87 14.11
CA CYS E 22 -10.20 0.47 14.42
C CYS E 22 -9.03 0.39 15.37
N SER E 23 -7.82 0.50 14.82
CA SER E 23 -6.61 0.46 15.62
C SER E 23 -6.44 1.79 16.33
N VAL E 24 -6.44 1.73 17.65
CA VAL E 24 -6.29 2.90 18.51
C VAL E 24 -4.83 2.93 19.01
N THR E 25 -4.22 4.11 18.98
CA THR E 25 -2.84 4.27 19.41
C THR E 25 -2.66 5.57 20.19
N GLY E 26 -2.01 5.48 21.35
CA GLY E 26 -1.77 6.66 22.17
C GLY E 26 -2.54 6.63 23.48
N VAL E 27 -3.43 5.64 23.59
CA VAL E 27 -4.23 5.47 24.78
C VAL E 27 -5.01 4.16 24.67
N SER E 28 -5.14 3.46 25.80
CA SER E 28 -5.85 2.18 25.84
C SER E 28 -7.36 2.32 25.63
N ILE E 29 -7.87 1.51 24.73
CA ILE E 29 -9.29 1.44 24.38
C ILE E 29 -10.22 1.48 25.62
N THR E 30 -9.81 0.81 26.69
CA THR E 30 -10.59 0.74 27.92
C THR E 30 -10.68 2.04 28.71
N SER E 31 -10.11 3.12 28.19
CA SER E 31 -10.15 4.38 28.90
C SER E 31 -11.46 5.12 28.66
N GLY E 32 -12.14 4.83 27.55
CA GLY E 32 -13.39 5.51 27.27
C GLY E 32 -14.30 4.89 26.21
N TYR E 33 -15.33 5.64 25.83
CA TYR E 33 -16.31 5.21 24.83
C TYR E 33 -15.83 5.57 23.42
N TRP E 34 -16.07 4.69 22.44
CA TRP E 34 -15.64 4.97 21.07
C TRP E 34 -16.79 5.01 20.06
N ASN E 35 -16.63 5.81 19.02
CA ASN E 35 -17.66 6.00 18.00
C ASN E 35 -17.48 5.39 16.62
N TRP E 36 -18.58 4.95 16.04
CA TRP E 36 -18.63 4.36 14.70
C TRP E 36 -19.54 5.26 13.85
N ILE E 37 -19.01 5.74 12.72
CA ILE E 37 -19.75 6.63 11.84
C ILE E 37 -19.46 6.34 10.37
N ARG E 38 -20.50 6.38 9.55
CA ARG E 38 -20.34 6.15 8.12
C ARG E 38 -20.75 7.41 7.39
N LYS E 39 -20.22 7.60 6.18
CA LYS E 39 -20.53 8.75 5.34
C LYS E 39 -20.80 8.29 3.90
N PHE E 40 -22.07 8.29 3.51
CA PHE E 40 -22.47 7.87 2.17
C PHE E 40 -22.05 8.92 1.17
N PRO E 41 -21.88 8.52 -0.11
CA PRO E 41 -21.49 9.50 -1.11
C PRO E 41 -22.48 10.66 -1.04
N GLY E 42 -22.01 11.87 -1.30
CA GLY E 42 -22.90 13.02 -1.26
C GLY E 42 -23.03 13.65 0.12
N ASN E 43 -21.96 13.58 0.91
CA ASN E 43 -21.93 14.15 2.26
C ASN E 43 -23.16 13.84 3.09
N LYS E 44 -23.27 12.62 3.59
CA LYS E 44 -24.41 12.26 4.41
C LYS E 44 -23.95 11.32 5.51
N PHE E 45 -23.69 11.86 6.68
CA PHE E 45 -23.25 11.03 7.80
C PHE E 45 -24.40 10.32 8.51
N GLU E 46 -24.06 9.22 9.15
CA GLU E 46 -25.03 8.45 9.89
C GLU E 46 -24.27 7.85 11.06
N TYR E 47 -24.64 8.26 12.27
CA TYR E 47 -24.02 7.73 13.47
C TYR E 47 -24.46 6.28 13.54
N MET E 48 -23.51 5.37 13.73
CA MET E 48 -23.80 3.95 13.77
C MET E 48 -23.98 3.38 15.18
N GLY E 49 -23.31 3.98 16.16
CA GLY E 49 -23.42 3.50 17.51
C GLY E 49 -22.13 3.65 18.27
N TYR E 50 -22.01 2.97 19.41
CA TYR E 50 -20.79 3.07 20.20
C TYR E 50 -20.46 1.88 21.09
N ILE E 51 -19.19 1.79 21.47
CA ILE E 51 -18.71 0.74 22.35
C ILE E 51 -18.41 1.51 23.65
N SER E 52 -18.84 0.98 24.79
CA SER E 52 -18.61 1.68 26.06
C SER E 52 -17.25 1.34 26.68
N LYS E 53 -16.95 2.01 27.79
CA LYS E 53 -15.70 1.82 28.51
C LYS E 53 -15.60 0.35 28.94
N SER E 54 -16.75 -0.29 29.03
CA SER E 54 -16.86 -1.69 29.46
C SER E 54 -17.12 -2.72 28.36
N GLY E 55 -17.19 -2.27 27.11
CA GLY E 55 -17.45 -3.19 26.01
C GLY E 55 -18.91 -3.24 25.62
N SER E 56 -19.76 -2.51 26.35
CA SER E 56 -21.19 -2.46 26.06
C SER E 56 -21.33 -1.85 24.67
N ALA E 57 -22.51 -1.96 24.07
CA ALA E 57 -22.71 -1.43 22.73
C ALA E 57 -24.09 -0.86 22.47
N TYR E 58 -24.12 0.37 21.94
CA TYR E 58 -25.36 1.02 21.58
C TYR E 58 -25.40 1.00 20.07
N TYR E 59 -26.55 0.63 19.50
CA TYR E 59 -26.65 0.60 18.05
C TYR E 59 -27.78 1.48 17.57
N ASN E 60 -27.48 2.30 16.57
CA ASN E 60 -28.49 3.15 15.96
C ASN E 60 -29.59 2.16 15.57
N PRO E 61 -30.86 2.50 15.84
CA PRO E 61 -31.93 1.57 15.49
C PRO E 61 -31.98 1.16 14.01
N SER E 62 -31.51 2.02 13.11
CA SER E 62 -31.53 1.69 11.69
C SER E 62 -30.54 0.62 11.30
N LEU E 63 -29.86 0.03 12.28
CA LEU E 63 -28.84 -0.99 12.00
C LEU E 63 -28.67 -2.14 12.98
N LYS E 64 -29.16 -1.98 14.21
CA LYS E 64 -28.96 -3.01 15.25
C LYS E 64 -29.31 -4.48 15.02
N SER E 65 -29.83 -4.83 13.85
CA SER E 65 -30.13 -6.23 13.58
C SER E 65 -29.04 -6.81 12.68
N ARG E 66 -28.36 -5.94 11.94
CA ARG E 66 -27.28 -6.34 11.05
C ARG E 66 -25.93 -5.92 11.63
N ILE E 67 -25.94 -4.88 12.46
CA ILE E 67 -24.74 -4.35 13.08
C ILE E 67 -24.35 -5.05 14.39
N SER E 68 -23.06 -5.04 14.70
CA SER E 68 -22.54 -5.68 15.91
C SER E 68 -21.13 -5.17 16.20
N PHE E 69 -20.87 -4.79 17.45
CA PHE E 69 -19.56 -4.28 17.86
C PHE E 69 -18.92 -5.24 18.86
N THR E 70 -17.60 -5.18 18.95
CA THR E 70 -16.82 -6.01 19.86
C THR E 70 -15.48 -5.33 20.05
N ARG E 71 -14.68 -5.83 20.98
CA ARG E 71 -13.38 -5.22 21.21
C ARG E 71 -12.36 -6.26 21.63
N ASP E 72 -11.10 -5.83 21.69
CA ASP E 72 -10.02 -6.69 22.11
C ASP E 72 -8.99 -5.80 22.74
N THR E 73 -8.83 -5.90 24.05
CA THR E 73 -7.87 -5.08 24.79
C THR E 73 -6.40 -5.33 24.40
N SER E 74 -6.04 -6.60 24.25
CA SER E 74 -4.67 -6.99 23.92
C SER E 74 -4.17 -6.41 22.59
N LYS E 75 -5.03 -6.37 21.59
CA LYS E 75 -4.66 -5.82 20.30
C LYS E 75 -5.01 -4.34 20.26
N ASN E 76 -5.70 -3.89 21.30
CA ASN E 76 -6.13 -2.50 21.45
C ASN E 76 -6.94 -2.06 20.23
N GLN E 77 -7.87 -2.93 19.84
CA GLN E 77 -8.73 -2.66 18.69
C GLN E 77 -10.16 -3.02 19.05
N PHE E 78 -11.11 -2.34 18.41
CA PHE E 78 -12.51 -2.62 18.59
C PHE E 78 -13.05 -2.81 17.16
N TYR E 79 -14.03 -3.69 17.00
CA TYR E 79 -14.53 -3.98 15.66
C TYR E 79 -15.98 -3.69 15.40
N LEU E 80 -16.31 -3.68 14.11
CA LEU E 80 -17.66 -3.46 13.63
C LEU E 80 -17.95 -4.56 12.65
N LYS E 81 -19.17 -5.11 12.71
CA LYS E 81 -19.57 -6.19 11.82
C LYS E 81 -20.97 -5.90 11.32
N LEU E 82 -21.14 -5.83 10.00
CA LEU E 82 -22.44 -5.57 9.42
C LEU E 82 -22.80 -6.74 8.52
N ASN E 83 -24.02 -7.25 8.65
CA ASN E 83 -24.47 -8.39 7.86
C ASN E 83 -25.31 -7.96 6.69
N SER E 84 -25.53 -8.90 5.78
CA SER E 84 -26.34 -8.66 4.58
C SER E 84 -26.21 -7.26 4.01
N VAL E 85 -25.00 -6.89 3.61
CA VAL E 85 -24.78 -5.57 3.04
C VAL E 85 -25.37 -5.44 1.63
N THR E 86 -25.80 -4.22 1.30
CA THR E 86 -26.36 -3.94 -0.02
C THR E 86 -25.57 -2.75 -0.55
N THR E 87 -25.79 -2.38 -1.80
CA THR E 87 -25.07 -1.26 -2.38
C THR E 87 -25.36 0.00 -1.60
N GLU E 88 -26.34 -0.06 -0.71
CA GLU E 88 -26.72 1.09 0.11
C GLU E 88 -25.81 1.24 1.32
N ASP E 89 -24.98 0.23 1.55
CA ASP E 89 -24.03 0.25 2.66
C ASP E 89 -22.69 0.79 2.18
N THR E 90 -22.65 1.21 0.92
CA THR E 90 -21.45 1.76 0.33
C THR E 90 -21.17 3.12 0.95
N ALA E 91 -20.08 3.23 1.68
CA ALA E 91 -19.73 4.49 2.34
C ALA E 91 -18.32 4.47 2.89
N THR E 92 -17.91 5.61 3.46
CA THR E 92 -16.59 5.70 4.08
C THR E 92 -16.88 5.52 5.57
N TYR E 93 -16.28 4.51 6.20
CA TYR E 93 -16.49 4.25 7.62
C TYR E 93 -15.43 4.93 8.48
N TYR E 94 -15.88 5.48 9.61
CA TYR E 94 -15.03 6.20 10.55
C TYR E 94 -15.20 5.79 12.01
N CYS E 95 -14.12 5.89 12.78
CA CYS E 95 -14.19 5.64 14.22
C CYS E 95 -13.64 6.94 14.80
N ALA E 96 -14.33 7.49 15.80
CA ALA E 96 -13.91 8.75 16.43
C ALA E 96 -13.85 8.57 17.93
N ILE E 97 -13.09 9.42 18.59
CA ILE E 97 -12.97 9.37 20.03
C ILE E 97 -14.26 9.91 20.64
N ASP E 98 -14.55 9.45 21.86
CA ASP E 98 -15.75 9.84 22.61
C ASP E 98 -16.32 11.22 22.25
N ASP E 99 -15.56 12.29 22.53
CA ASP E 99 -16.04 13.64 22.26
C ASP E 99 -15.92 14.10 20.79
N PHE E 100 -15.72 13.13 19.89
CA PHE E 100 -15.62 13.39 18.45
C PHE E 100 -14.57 14.39 18.02
N ASP E 101 -13.58 14.67 18.86
CA ASP E 101 -12.54 15.62 18.49
C ASP E 101 -11.34 14.98 17.80
N ILE E 102 -11.42 13.68 17.55
CA ILE E 102 -10.34 12.94 16.89
C ILE E 102 -10.94 11.74 16.18
N TRP E 103 -10.87 11.79 14.85
CA TRP E 103 -11.40 10.74 14.00
C TRP E 103 -10.27 10.01 13.29
N GLY E 104 -10.60 8.88 12.68
CA GLY E 104 -9.63 8.13 11.93
C GLY E 104 -9.71 8.69 10.52
N ALA E 105 -8.76 8.35 9.67
CA ALA E 105 -8.74 8.83 8.29
C ALA E 105 -9.95 8.31 7.52
N GLY E 106 -10.52 7.22 8.03
CA GLY E 106 -11.68 6.63 7.38
C GLY E 106 -11.30 5.65 6.30
N THR E 107 -12.05 4.55 6.20
CA THR E 107 -11.81 3.53 5.19
C THR E 107 -13.04 3.45 4.29
N THR E 108 -12.86 3.58 2.99
CA THR E 108 -14.01 3.51 2.09
C THR E 108 -14.35 2.08 1.72
N VAL E 109 -15.63 1.78 1.75
CA VAL E 109 -16.12 0.44 1.42
C VAL E 109 -17.14 0.47 0.30
N THR E 110 -16.91 -0.38 -0.70
CA THR E 110 -17.80 -0.47 -1.85
C THR E 110 -18.51 -1.83 -1.89
N VAL E 111 -19.84 -1.79 -1.88
CA VAL E 111 -20.63 -3.03 -1.94
C VAL E 111 -21.04 -3.21 -3.40
N SER E 112 -20.33 -4.10 -4.08
CA SER E 112 -20.59 -4.36 -5.49
C SER E 112 -20.25 -5.80 -5.86
N SER E 113 -20.93 -6.32 -6.88
CA SER E 113 -20.71 -7.68 -7.34
C SER E 113 -19.59 -7.72 -8.37
N ALA E 114 -19.06 -6.55 -8.72
CA ALA E 114 -17.97 -6.44 -9.70
C ALA E 114 -16.69 -7.00 -9.09
N LYS E 115 -15.78 -7.46 -9.94
CA LYS E 115 -14.52 -8.02 -9.46
C LYS E 115 -13.50 -6.92 -9.30
N THR E 116 -12.43 -7.21 -8.56
CA THR E 116 -11.36 -6.26 -8.33
C THR E 116 -10.47 -6.21 -9.54
N THR E 117 -10.11 -4.99 -9.96
CA THR E 117 -9.26 -4.76 -11.11
C THR E 117 -8.19 -3.73 -10.82
N PRO E 118 -6.91 -4.14 -10.83
CA PRO E 118 -5.83 -3.19 -10.56
C PRO E 118 -5.75 -2.14 -11.69
N PRO E 119 -5.10 -0.99 -11.41
CA PRO E 119 -4.99 0.05 -12.44
C PRO E 119 -3.74 -0.04 -13.32
N SER E 120 -3.85 0.52 -14.52
CA SER E 120 -2.73 0.57 -15.46
C SER E 120 -2.28 2.02 -15.41
N VAL E 121 -1.19 2.28 -14.72
CA VAL E 121 -0.70 3.65 -14.64
C VAL E 121 0.35 3.93 -15.72
N TYR E 122 0.10 4.98 -16.49
CA TYR E 122 0.97 5.37 -17.58
C TYR E 122 1.61 6.74 -17.32
N PRO E 123 2.87 6.93 -17.74
CA PRO E 123 3.55 8.21 -17.54
C PRO E 123 3.05 9.24 -18.54
N LEU E 124 2.85 10.47 -18.09
CA LEU E 124 2.39 11.55 -18.96
C LEU E 124 3.46 12.63 -19.09
N ALA E 125 4.14 12.63 -20.23
CA ALA E 125 5.21 13.61 -20.46
C ALA E 125 5.00 14.45 -21.71
N PRO E 126 5.64 15.64 -21.74
CA PRO E 126 5.59 16.62 -22.82
C PRO E 126 6.12 16.04 -24.14
N GLY E 127 5.46 16.38 -25.25
CA GLY E 127 5.92 15.89 -26.53
C GLY E 127 6.75 16.95 -27.22
N SER E 128 7.99 17.11 -26.78
CA SER E 128 8.85 18.14 -27.34
C SER E 128 8.04 19.41 -27.37
N ALA E 129 7.13 19.56 -26.40
CA ALA E 129 6.28 20.74 -26.38
C ALA E 129 5.37 21.04 -25.16
N ALA E 130 5.91 20.96 -23.95
CA ALA E 130 5.21 21.35 -22.72
C ALA E 130 6.42 22.13 -22.34
N GLN E 131 6.35 23.45 -22.22
CA GLN E 131 7.67 24.01 -22.04
C GLN E 131 8.27 25.20 -21.38
N THR E 132 9.55 25.16 -21.74
CA THR E 132 10.69 26.01 -21.50
C THR E 132 10.54 27.36 -20.87
N ASN E 133 9.35 27.63 -20.37
CA ASN E 133 9.06 28.87 -19.68
C ASN E 133 9.94 28.71 -18.43
N SER E 134 9.35 28.55 -17.25
CA SER E 134 10.18 28.35 -16.07
C SER E 134 9.60 27.20 -15.27
N MET E 135 8.39 26.80 -15.66
CA MET E 135 7.67 25.71 -15.01
C MET E 135 7.26 24.70 -16.07
N VAL E 136 7.31 23.42 -15.73
CA VAL E 136 6.91 22.37 -16.65
C VAL E 136 5.93 21.44 -15.93
N THR E 137 4.90 21.00 -16.64
CA THR E 137 3.90 20.12 -16.06
C THR E 137 4.05 18.70 -16.57
N LEU E 138 4.03 17.76 -15.64
CA LEU E 138 4.13 16.35 -15.97
C LEU E 138 2.86 15.69 -15.43
N GLY E 139 2.50 14.55 -16.00
CA GLY E 139 1.30 13.88 -15.54
C GLY E 139 1.47 12.40 -15.30
N CYS E 140 0.39 11.79 -14.82
CA CYS E 140 0.37 10.37 -14.53
C CYS E 140 -1.09 9.98 -14.68
N LEU E 141 -1.36 8.96 -15.49
CA LEU E 141 -2.73 8.49 -15.71
C LEU E 141 -2.88 7.11 -15.09
N VAL E 142 -3.93 6.96 -14.27
CA VAL E 142 -4.22 5.69 -13.59
C VAL E 142 -5.54 5.20 -14.18
N LYS E 143 -5.47 4.22 -15.08
CA LYS E 143 -6.68 3.77 -15.77
C LYS E 143 -7.20 2.35 -15.54
N GLY E 144 -8.49 2.19 -15.86
CA GLY E 144 -9.20 0.91 -15.77
C GLY E 144 -9.07 0.15 -14.48
N TYR E 145 -9.52 0.74 -13.38
CA TYR E 145 -9.42 0.07 -12.10
C TYR E 145 -10.74 0.02 -11.35
N PHE E 146 -10.77 -0.78 -10.29
CA PHE E 146 -11.97 -0.93 -9.48
C PHE E 146 -11.69 -1.83 -8.30
N PRO E 147 -12.20 -1.47 -7.11
CA PRO E 147 -13.01 -0.27 -6.87
C PRO E 147 -12.14 0.84 -6.28
N GLU E 148 -12.78 1.88 -5.79
CA GLU E 148 -12.07 2.99 -5.17
C GLU E 148 -11.47 2.49 -3.85
N PRO E 149 -10.43 3.17 -3.35
CA PRO E 149 -9.83 4.34 -3.98
C PRO E 149 -8.42 3.99 -4.48
N VAL E 150 -7.62 5.02 -4.69
CA VAL E 150 -6.22 4.88 -5.09
C VAL E 150 -5.58 6.09 -4.44
N THR E 151 -4.29 6.01 -4.19
CA THR E 151 -3.59 7.13 -3.60
C THR E 151 -2.40 7.39 -4.50
N VAL E 152 -2.28 8.64 -4.95
CA VAL E 152 -1.19 9.05 -5.82
C VAL E 152 -0.30 10.04 -5.12
N THR E 153 1.01 9.82 -5.19
CA THR E 153 1.98 10.73 -4.59
C THR E 153 3.09 10.95 -5.59
N TRP E 154 3.85 12.02 -5.42
CA TRP E 154 4.96 12.31 -6.32
C TRP E 154 6.28 12.30 -5.54
N ASN E 155 7.24 11.55 -6.06
CA ASN E 155 8.55 11.40 -5.41
C ASN E 155 8.34 10.96 -3.97
N SER E 156 7.60 9.86 -3.82
CA SER E 156 7.30 9.27 -2.52
C SER E 156 6.73 10.26 -1.52
N GLY E 157 6.11 11.32 -2.02
CA GLY E 157 5.52 12.30 -1.12
C GLY E 157 6.31 13.58 -0.96
N SER E 158 7.50 13.66 -1.55
CA SER E 158 8.32 14.87 -1.46
C SER E 158 7.70 16.02 -2.24
N LEU E 159 7.26 15.75 -3.46
CA LEU E 159 6.61 16.76 -4.28
C LEU E 159 5.19 16.89 -3.73
N SER E 160 4.94 17.99 -3.05
CA SER E 160 3.63 18.24 -2.45
C SER E 160 2.95 19.43 -3.11
N SER E 161 3.70 20.51 -3.26
CA SER E 161 3.17 21.71 -3.89
C SER E 161 3.12 21.50 -5.40
N GLY E 162 2.13 22.10 -6.04
CA GLY E 162 1.99 21.98 -7.49
C GLY E 162 1.47 20.62 -7.92
N VAL E 163 0.76 19.93 -7.02
CA VAL E 163 0.20 18.62 -7.34
C VAL E 163 -1.32 18.70 -7.41
N HIS E 164 -1.87 18.19 -8.50
CA HIS E 164 -3.32 18.18 -8.68
C HIS E 164 -3.77 16.77 -9.01
N THR E 165 -4.46 16.14 -8.07
CA THR E 165 -4.97 14.79 -8.28
C THR E 165 -6.47 14.95 -8.51
N PHE E 166 -6.90 14.68 -9.74
CA PHE E 166 -8.30 14.82 -10.13
C PHE E 166 -9.17 13.61 -9.80
N PRO E 167 -10.44 13.84 -9.39
CA PRO E 167 -11.40 12.80 -9.03
C PRO E 167 -11.50 11.71 -10.11
N ALA E 168 -11.67 10.47 -9.68
CA ALA E 168 -11.78 9.37 -10.62
C ALA E 168 -13.16 9.38 -11.25
N VAL E 169 -13.25 8.97 -12.51
CA VAL E 169 -14.52 8.91 -13.19
C VAL E 169 -14.82 7.44 -13.51
N LEU E 170 -16.06 7.04 -13.24
CA LEU E 170 -16.50 5.68 -13.46
C LEU E 170 -17.13 5.50 -14.83
N GLN E 171 -16.69 4.47 -15.55
CA GLN E 171 -17.24 4.18 -16.87
C GLN E 171 -16.95 2.75 -17.23
N SER E 172 -17.97 2.04 -17.70
CA SER E 172 -17.80 0.65 -18.07
C SER E 172 -17.52 -0.13 -16.79
N ASP E 173 -18.11 0.35 -15.71
CA ASP E 173 -17.95 -0.29 -14.41
C ASP E 173 -16.48 -0.31 -13.96
N LEU E 174 -15.65 0.54 -14.57
CA LEU E 174 -14.23 0.68 -14.25
C LEU E 174 -13.88 2.17 -14.05
N TYR E 175 -13.04 2.46 -13.06
CA TYR E 175 -12.61 3.83 -12.74
C TYR E 175 -11.35 4.29 -13.49
N THR E 176 -11.24 5.61 -13.69
CA THR E 176 -10.06 6.20 -14.34
C THR E 176 -9.72 7.49 -13.60
N LEU E 177 -8.43 7.79 -13.49
CA LEU E 177 -7.97 8.97 -12.77
C LEU E 177 -6.60 9.48 -13.25
N SER E 178 -6.35 10.77 -13.05
CA SER E 178 -5.08 11.37 -13.44
C SER E 178 -4.59 12.36 -12.40
N SER E 179 -3.30 12.63 -12.45
CA SER E 179 -2.66 13.57 -11.53
C SER E 179 -1.54 14.26 -12.29
N SER E 180 -1.37 15.55 -12.02
CA SER E 180 -0.31 16.33 -12.65
C SER E 180 0.50 17.02 -11.58
N VAL E 181 1.75 17.31 -11.89
CA VAL E 181 2.63 18.00 -10.95
C VAL E 181 3.47 18.98 -11.74
N THR E 182 3.48 20.23 -11.30
CA THR E 182 4.26 21.27 -11.98
C THR E 182 5.50 21.55 -11.15
N VAL E 183 6.65 21.44 -11.81
CA VAL E 183 7.92 21.68 -11.16
C VAL E 183 8.71 22.68 -12.00
N PRO E 184 9.80 23.22 -11.45
CA PRO E 184 10.64 24.19 -12.17
C PRO E 184 11.29 23.50 -13.36
N SER E 185 11.65 24.27 -14.39
CA SER E 185 12.27 23.71 -15.58
C SER E 185 13.70 23.21 -15.33
N SER E 186 14.30 23.63 -14.22
CA SER E 186 15.65 23.20 -13.89
C SER E 186 15.73 21.81 -13.27
N PRO E 187 14.84 21.50 -12.29
CA PRO E 187 14.86 20.18 -11.65
C PRO E 187 14.41 19.02 -12.55
N ARG E 188 13.98 19.33 -13.77
CA ARG E 188 13.53 18.28 -14.67
C ARG E 188 13.75 18.65 -16.14
N PRO E 189 14.21 17.69 -16.95
CA PRO E 189 14.51 16.30 -16.58
C PRO E 189 15.84 16.09 -15.88
N SER E 190 16.44 17.16 -15.34
CA SER E 190 17.71 17.05 -14.65
C SER E 190 17.55 16.03 -13.54
N GLU E 191 16.60 16.28 -12.64
CA GLU E 191 16.30 15.40 -11.51
C GLU E 191 15.12 14.52 -11.95
N THR E 192 14.90 13.40 -11.26
CA THR E 192 13.81 12.48 -11.63
C THR E 192 12.47 12.72 -10.91
N VAL E 193 11.40 12.44 -11.62
CA VAL E 193 10.06 12.59 -11.08
C VAL E 193 9.36 11.27 -11.29
N THR E 194 8.67 10.80 -10.25
CA THR E 194 7.98 9.53 -10.30
C THR E 194 6.67 9.66 -9.57
N CYS E 195 5.63 9.00 -10.08
CA CYS E 195 4.33 9.01 -9.42
C CYS E 195 4.10 7.65 -8.80
N ASN E 196 3.83 7.66 -7.51
CA ASN E 196 3.59 6.45 -6.76
C ASN E 196 2.11 6.21 -6.59
N VAL E 197 1.59 5.26 -7.35
CA VAL E 197 0.18 4.90 -7.31
C VAL E 197 0.00 3.60 -6.55
N ALA E 198 -0.96 3.58 -5.63
CA ALA E 198 -1.25 2.39 -4.86
C ALA E 198 -2.76 2.11 -4.88
N HIS E 199 -3.12 0.86 -5.08
CA HIS E 199 -4.54 0.49 -5.10
C HIS E 199 -4.79 -0.52 -3.99
N PRO E 200 -5.52 -0.13 -2.94
CA PRO E 200 -5.81 -1.02 -1.81
C PRO E 200 -6.49 -2.34 -2.21
N ALA E 201 -7.66 -2.22 -2.83
CA ALA E 201 -8.44 -3.38 -3.23
C ALA E 201 -7.60 -4.50 -3.85
N SER E 202 -6.56 -4.15 -4.59
CA SER E 202 -5.73 -5.17 -5.22
C SER E 202 -4.38 -5.35 -4.54
N SER E 203 -4.07 -4.45 -3.60
CA SER E 203 -2.80 -4.48 -2.87
C SER E 203 -1.64 -4.19 -3.83
N THR E 204 -2.00 -3.46 -4.89
CA THR E 204 -1.11 -3.03 -5.96
C THR E 204 -0.34 -1.79 -5.61
N LYS E 205 0.86 -1.67 -6.18
CA LYS E 205 1.73 -0.52 -5.94
C LYS E 205 2.63 -0.29 -7.16
N VAL E 206 2.39 0.80 -7.89
CA VAL E 206 3.19 1.13 -9.07
C VAL E 206 3.96 2.43 -8.88
N ASP E 207 5.11 2.53 -9.54
CA ASP E 207 5.95 3.71 -9.49
C ASP E 207 6.45 4.02 -10.90
N LYS E 208 5.78 4.92 -11.60
CA LYS E 208 6.20 5.26 -12.95
C LYS E 208 7.06 6.50 -12.98
N LYS E 209 8.21 6.38 -13.60
CA LYS E 209 9.16 7.48 -13.73
C LYS E 209 8.80 8.24 -14.98
N ILE E 210 8.67 9.56 -14.87
CA ILE E 210 8.34 10.39 -16.00
C ILE E 210 9.62 10.70 -16.78
N VAL E 211 9.81 9.98 -17.88
CA VAL E 211 11.00 10.13 -18.71
C VAL E 211 10.64 10.94 -19.96
N PRO E 212 11.55 11.83 -20.41
CA PRO E 212 11.29 12.64 -21.60
C PRO E 212 11.09 11.78 -22.87
N ARG E 213 10.23 12.26 -23.77
CA ARG E 213 9.93 11.53 -25.00
C ARG E 213 11.10 11.49 -25.99
N ASP E 214 11.20 10.40 -26.74
CA ASP E 214 12.26 10.22 -27.73
C ASP E 214 11.84 10.61 -29.15
N LYS F 2 -10.29 20.21 27.40
CA LYS F 2 -9.79 18.92 26.83
C LYS F 2 -10.86 17.82 26.94
N ARG F 3 -11.16 17.32 28.12
CA ARG F 3 -12.28 16.41 28.00
C ARG F 3 -13.38 17.45 28.05
N ILE F 4 -14.15 17.48 26.96
CA ILE F 4 -15.21 18.47 26.82
C ILE F 4 -16.60 17.89 26.99
N HIS F 5 -16.66 16.59 27.23
CA HIS F 5 -17.93 15.96 27.49
C HIS F 5 -19.12 16.26 26.59
N ILE F 6 -19.16 15.66 25.41
CA ILE F 6 -20.26 15.84 24.48
C ILE F 6 -20.51 14.45 23.94
N GLY F 7 -19.56 13.58 24.20
CA GLY F 7 -19.64 12.22 23.70
C GLY F 7 -20.66 11.25 24.23
N PRO F 8 -20.67 10.05 23.66
CA PRO F 8 -21.59 8.97 24.04
C PRO F 8 -21.46 8.49 25.49
N GLY F 9 -20.43 8.91 26.20
CA GLY F 9 -20.25 8.49 27.57
C GLY F 9 -20.06 9.69 28.49
N ARG F 10 -21.15 10.41 28.73
CA ARG F 10 -21.20 11.62 29.54
C ARG F 10 -21.53 11.33 30.98
N ALA F 11 -21.65 10.06 31.29
CA ALA F 11 -22.05 9.66 32.60
C ALA F 11 -21.06 9.11 33.64
#